data_8F93
#
_entry.id   8F93
#
_cell.length_a   92.780
_cell.length_b   103.022
_cell.length_c   81.014
_cell.angle_alpha   90.000
_cell.angle_beta   101.545
_cell.angle_gamma   90.000
#
_symmetry.space_group_name_H-M   'C 1 2 1'
#
loop_
_entity.id
_entity.type
_entity.pdbx_description
1 polymer 'WD repeat-containing protein 5'
2 non-polymer '3-ethynyl-5-{[(3R)-4-{1-[(2-methoxyphenyl)methyl]-1H-benzimidazole-5-carbonyl}-3-methylpiperazin-1-yl]methyl}benzene-1-sulfonyl fluoride'
3 non-polymer GLYCEROL
4 non-polymer 'SULFATE ION'
5 non-polymer 'CHLORIDE ION'
6 water water
#
_entity_poly.entity_id   1
_entity_poly.type   'polypeptide(L)'
_entity_poly.pdbx_seq_one_letter_code
;SNASATQSKPTPVKPNYALKFTLAGHTKAVSSVKFSPNGEWLASSSADKLIKIWGAYDGKFEKTISGHKLGISDVAWSSD
SNLLVSASDDKTLKIWDVSSGKCLKTLKGHSNYVFCCNFNPQSNLIVSGSFDESVRIWDVKTGKCLKTLPAHSDPVSAVH
FNRDGSLIVSSSYDGLCRIWDTASGQCLKTLIDDDNPPVSFVKFSPNGKYILAATLDNTLKLWDYSKGKCLKTYTGHKNE
KYCIFANFSVTGGKWIVSGSEDNLVYIWNLQTKEIVQKLQGHTDVVISTACHPTENIIASAALENDKTIKLWKSDC
;
_entity_poly.pdbx_strand_id   A,B
#
loop_
_chem_comp.id
_chem_comp.type
_chem_comp.name
_chem_comp.formula
CL non-polymer 'CHLORIDE ION' 'Cl -1'
GOL non-polymer GLYCEROL 'C3 H8 O3'
SO4 non-polymer 'SULFATE ION' 'O4 S -2'
XKN non-polymer '3-ethynyl-5-{[(3R)-4-{1-[(2-methoxyphenyl)methyl]-1H-benzimidazole-5-carbonyl}-3-methylpiperazin-1-yl]methyl}benzene-1-sulfonyl fluoride' 'C30 H29 F N4 O4 S'
#
# COMPACT_ATOMS: atom_id res chain seq x y z
N VAL A 13 4.08 24.15 -6.36
CA VAL A 13 3.35 23.59 -7.50
C VAL A 13 4.29 22.88 -8.53
N LYS A 14 5.61 22.99 -8.37
CA LYS A 14 6.63 22.33 -9.19
C LYS A 14 7.61 21.62 -8.28
N PRO A 15 8.22 20.52 -8.73
CA PRO A 15 9.23 19.86 -7.90
C PRO A 15 10.62 20.46 -8.14
N ASN A 16 11.63 19.94 -7.45
CA ASN A 16 13.01 20.43 -7.55
C ASN A 16 13.97 19.25 -7.46
N TYR A 17 13.71 18.21 -8.26
CA TYR A 17 14.61 17.06 -8.24
C TYR A 17 16.01 17.52 -8.58
N ALA A 18 16.99 16.99 -7.85
CA ALA A 18 18.39 17.33 -8.06
C ALA A 18 19.24 16.06 -8.02
N LEU A 19 20.19 15.96 -8.94
CA LEU A 19 21.01 14.76 -8.97
C LEU A 19 21.80 14.66 -7.65
N LYS A 20 21.76 13.49 -7.03
CA LYS A 20 22.46 13.28 -5.77
C LYS A 20 23.51 12.21 -5.88
N PHE A 21 23.24 11.13 -6.60
CA PHE A 21 24.16 10.00 -6.71
C PHE A 21 24.15 9.46 -8.13
N THR A 22 25.28 8.88 -8.53
CA THR A 22 25.42 8.20 -9.82
C THR A 22 26.07 6.84 -9.66
N LEU A 23 25.43 5.81 -10.19
CA LEU A 23 25.68 4.42 -9.82
C LEU A 23 26.16 3.62 -11.04
N ALA A 24 27.47 3.35 -11.14
CA ALA A 24 28.03 2.63 -12.27
C ALA A 24 28.49 1.23 -11.89
N GLY A 25 28.36 0.29 -12.82
CA GLY A 25 28.72 -1.08 -12.53
C GLY A 25 28.28 -1.99 -13.65
N HIS A 26 27.21 -1.59 -14.34
CA HIS A 26 26.74 -2.34 -15.51
C HIS A 26 27.65 -2.07 -16.69
N THR A 27 28.04 -3.14 -17.38
CA THR A 27 28.95 -3.07 -18.52
C THR A 27 28.21 -2.93 -19.86
N LYS A 28 26.89 -2.84 -19.84
CA LYS A 28 26.14 -2.65 -21.06
C LYS A 28 24.91 -1.82 -20.74
N ALA A 29 23.97 -1.80 -21.67
CA ALA A 29 22.76 -1.02 -21.54
C ALA A 29 21.91 -1.50 -20.36
N VAL A 30 21.55 -0.58 -19.46
CA VAL A 30 20.54 -0.85 -18.44
C VAL A 30 19.16 -0.96 -19.10
N SER A 31 18.37 -1.98 -18.72
CA SER A 31 17.02 -2.13 -19.28
C SER A 31 15.87 -1.76 -18.34
N SER A 32 16.06 -1.84 -17.02
N SER A 32 16.06 -1.84 -17.02
CA SER A 32 14.98 -1.48 -16.11
CA SER A 32 14.98 -1.51 -16.10
C SER A 32 15.55 -1.20 -14.73
C SER A 32 15.57 -1.18 -14.74
N VAL A 33 14.88 -0.30 -14.01
CA VAL A 33 15.18 -0.03 -12.59
C VAL A 33 13.88 -0.02 -11.79
N LYS A 34 13.89 -0.70 -10.64
CA LYS A 34 12.76 -0.83 -9.72
C LYS A 34 13.20 -0.66 -8.26
N PHE A 35 12.56 0.26 -7.54
CA PHE A 35 12.69 0.29 -6.09
C PHE A 35 11.98 -0.90 -5.45
N SER A 36 12.46 -1.31 -4.29
CA SER A 36 11.73 -2.39 -3.66
C SER A 36 10.56 -1.84 -2.86
N PRO A 37 9.46 -2.61 -2.74
CA PRO A 37 8.32 -2.14 -1.93
C PRO A 37 8.71 -1.60 -0.54
N ASN A 38 9.75 -2.15 0.12
CA ASN A 38 10.10 -1.62 1.43
C ASN A 38 10.97 -0.34 1.39
N GLY A 39 11.29 0.19 0.20
CA GLY A 39 12.03 1.45 0.12
C GLY A 39 13.53 1.31 0.23
N GLU A 40 14.02 0.11 0.46
CA GLU A 40 15.40 -0.08 0.86
C GLU A 40 16.37 -0.24 -0.30
N TRP A 41 15.91 -0.78 -1.42
CA TRP A 41 16.77 -1.26 -2.48
C TRP A 41 16.35 -0.70 -3.82
N LEU A 42 17.34 -0.59 -4.72
CA LEU A 42 17.10 -0.48 -6.15
C LEU A 42 17.60 -1.75 -6.84
N ALA A 43 16.82 -2.29 -7.78
CA ALA A 43 17.27 -3.37 -8.66
C ALA A 43 17.33 -2.84 -10.07
N SER A 44 18.46 -3.07 -10.75
CA SER A 44 18.63 -2.70 -12.14
C SER A 44 19.01 -3.94 -12.92
N SER A 45 18.46 -4.06 -14.14
CA SER A 45 18.71 -5.16 -15.05
C SER A 45 19.37 -4.59 -16.32
N SER A 46 20.23 -5.40 -16.96
CA SER A 46 21.06 -4.91 -18.06
C SER A 46 21.11 -5.91 -19.20
N ALA A 47 21.46 -5.39 -20.38
CA ALA A 47 21.83 -6.26 -21.48
C ALA A 47 23.00 -7.18 -21.13
N ASP A 48 23.89 -6.78 -20.20
CA ASP A 48 25.01 -7.64 -19.77
C ASP A 48 24.56 -8.92 -19.04
N LYS A 49 23.28 -9.30 -18.91
CA LYS A 49 22.80 -10.53 -18.26
C LYS A 49 22.80 -10.45 -16.73
N LEU A 50 23.11 -9.29 -16.16
CA LEU A 50 23.20 -9.11 -14.72
C LEU A 50 22.03 -8.31 -14.13
N ILE A 51 21.67 -8.68 -12.88
CA ILE A 51 20.92 -7.82 -11.97
C ILE A 51 21.87 -7.28 -10.93
N LYS A 52 21.87 -5.95 -10.72
CA LYS A 52 22.60 -5.34 -9.62
C LYS A 52 21.63 -4.70 -8.61
N ILE A 53 21.95 -4.84 -7.33
CA ILE A 53 21.15 -4.29 -6.25
C ILE A 53 21.92 -3.15 -5.60
N TRP A 54 21.25 -2.04 -5.37
CA TRP A 54 21.91 -0.83 -4.95
C TRP A 54 21.12 -0.24 -3.78
N GLY A 55 21.82 0.31 -2.80
CA GLY A 55 21.15 1.07 -1.77
C GLY A 55 20.24 2.14 -2.35
N ALA A 56 18.97 2.13 -1.92
CA ALA A 56 17.99 3.05 -2.50
C ALA A 56 18.25 4.49 -2.07
N TYR A 57 18.79 4.73 -0.87
CA TYR A 57 18.99 6.10 -0.39
C TYR A 57 20.38 6.67 -0.66
N ASP A 58 21.43 5.83 -0.69
CA ASP A 58 22.80 6.30 -0.93
C ASP A 58 23.40 5.87 -2.27
N GLY A 59 22.75 4.97 -3.03
CA GLY A 59 23.36 4.45 -4.24
C GLY A 59 24.41 3.39 -4.02
N LYS A 60 24.74 3.07 -2.79
CA LYS A 60 25.81 2.12 -2.53
C LYS A 60 25.52 0.82 -3.26
N PHE A 61 26.44 0.42 -4.14
CA PHE A 61 26.34 -0.91 -4.71
C PHE A 61 26.22 -1.93 -3.59
N GLU A 62 25.46 -2.97 -3.83
CA GLU A 62 25.22 -3.96 -2.81
C GLU A 62 25.66 -5.36 -3.23
N LYS A 63 25.25 -5.83 -4.41
CA LYS A 63 25.58 -7.19 -4.85
C LYS A 63 25.13 -7.36 -6.29
N THR A 64 25.61 -8.45 -6.91
CA THR A 64 25.25 -8.81 -8.27
C THR A 64 24.55 -10.15 -8.28
N ILE A 65 23.53 -10.30 -9.10
CA ILE A 65 22.79 -11.54 -9.23
C ILE A 65 23.00 -12.03 -10.66
N SER A 66 23.39 -13.29 -10.81
CA SER A 66 23.83 -13.82 -12.10
C SER A 66 23.18 -15.18 -12.38
N GLY A 67 23.05 -15.50 -13.66
CA GLY A 67 22.48 -16.79 -14.02
C GLY A 67 21.73 -16.79 -15.33
N HIS A 68 21.36 -15.63 -15.86
CA HIS A 68 20.73 -15.61 -17.17
C HIS A 68 21.80 -15.75 -18.24
N LYS A 69 21.49 -16.56 -19.27
CA LYS A 69 22.39 -16.81 -20.40
C LYS A 69 22.50 -15.61 -21.37
N LEU A 70 21.37 -14.93 -21.66
CA LEU A 70 21.36 -13.75 -22.51
C LEU A 70 20.95 -12.52 -21.71
N GLY A 71 20.68 -11.41 -22.41
CA GLY A 71 20.33 -10.17 -21.75
C GLY A 71 18.97 -10.21 -21.06
N ILE A 72 18.81 -9.29 -20.10
CA ILE A 72 17.61 -9.18 -19.28
C ILE A 72 16.87 -7.90 -19.65
N SER A 73 15.59 -8.02 -19.94
CA SER A 73 14.81 -6.84 -20.33
C SER A 73 14.12 -6.15 -19.16
N ASP A 74 13.91 -6.84 -18.04
CA ASP A 74 12.99 -6.38 -17.02
C ASP A 74 13.21 -7.20 -15.76
N VAL A 75 13.07 -6.53 -14.62
CA VAL A 75 13.09 -7.17 -13.30
CA VAL A 75 13.09 -7.17 -13.30
C VAL A 75 11.95 -6.60 -12.47
N ALA A 76 11.47 -7.37 -11.50
CA ALA A 76 10.37 -6.90 -10.67
C ALA A 76 10.47 -7.51 -9.28
N TRP A 77 9.99 -6.76 -8.30
CA TRP A 77 10.03 -7.18 -6.90
C TRP A 77 8.74 -7.86 -6.49
N SER A 78 8.86 -8.79 -5.55
CA SER A 78 7.70 -9.26 -4.84
C SER A 78 7.25 -8.26 -3.76
N SER A 79 6.01 -8.45 -3.27
CA SER A 79 5.41 -7.56 -2.27
C SER A 79 6.27 -7.35 -1.03
N ASP A 80 6.90 -8.41 -0.53
CA ASP A 80 7.70 -8.31 0.68
C ASP A 80 9.16 -7.90 0.42
N SER A 81 9.53 -7.52 -0.82
CA SER A 81 10.89 -7.08 -1.13
C SER A 81 11.93 -8.19 -1.03
N ASN A 82 11.51 -9.46 -1.00
CA ASN A 82 12.41 -10.59 -0.80
C ASN A 82 12.74 -11.37 -2.06
N LEU A 83 11.86 -11.33 -3.05
CA LEU A 83 12.04 -11.95 -4.36
C LEU A 83 12.23 -10.90 -5.45
N LEU A 84 13.05 -11.25 -6.44
CA LEU A 84 12.98 -10.69 -7.79
C LEU A 84 12.54 -11.73 -8.82
N VAL A 85 11.98 -11.20 -9.90
CA VAL A 85 11.69 -11.97 -11.09
C VAL A 85 12.32 -11.20 -12.25
N SER A 86 13.00 -11.93 -13.13
CA SER A 86 13.72 -11.36 -14.26
C SER A 86 13.19 -11.97 -15.54
N ALA A 87 13.20 -11.19 -16.62
CA ALA A 87 12.75 -11.61 -17.95
C ALA A 87 13.91 -11.46 -18.91
N SER A 88 14.32 -12.56 -19.57
CA SER A 88 15.54 -12.55 -20.37
C SER A 88 15.32 -12.93 -21.82
N ASP A 89 16.31 -12.54 -22.65
CA ASP A 89 16.31 -13.02 -24.02
C ASP A 89 16.44 -14.53 -24.10
N ASP A 90 16.93 -15.19 -23.02
CA ASP A 90 17.11 -16.63 -23.05
C ASP A 90 15.87 -17.36 -23.01
N LYS A 91 14.74 -16.70 -23.23
CA LYS A 91 13.39 -17.26 -23.31
C LYS A 91 12.83 -17.64 -21.95
N THR A 92 13.53 -17.36 -20.85
CA THR A 92 13.03 -17.73 -19.52
C THR A 92 12.89 -16.51 -18.62
N LEU A 93 12.07 -16.69 -17.60
CA LEU A 93 12.11 -15.91 -16.38
C LEU A 93 12.80 -16.72 -15.27
N LYS A 94 13.48 -16.01 -14.38
CA LYS A 94 14.09 -16.61 -13.20
C LYS A 94 13.54 -15.92 -11.96
N ILE A 95 13.27 -16.69 -10.89
CA ILE A 95 12.82 -16.14 -9.61
C ILE A 95 14.00 -16.18 -8.65
N TRP A 96 14.36 -15.03 -8.07
CA TRP A 96 15.54 -14.89 -7.24
C TRP A 96 15.19 -14.60 -5.79
N ASP A 97 15.88 -15.28 -4.86
CA ASP A 97 15.90 -14.86 -3.45
C ASP A 97 17.00 -13.81 -3.31
N VAL A 98 16.61 -12.56 -3.06
CA VAL A 98 17.57 -11.46 -3.14
C VAL A 98 18.66 -11.56 -2.05
N SER A 99 18.32 -12.04 -0.87
CA SER A 99 19.31 -12.07 0.21
CA SER A 99 19.33 -12.04 0.19
C SER A 99 20.37 -13.13 -0.03
N SER A 100 19.95 -14.31 -0.45
CA SER A 100 20.89 -15.40 -0.71
C SER A 100 21.48 -15.36 -2.13
N GLY A 101 20.89 -14.59 -3.05
CA GLY A 101 21.21 -14.63 -4.46
C GLY A 101 20.79 -15.89 -5.16
N LYS A 102 20.20 -16.83 -4.45
CA LYS A 102 19.90 -18.13 -5.00
C LYS A 102 18.75 -18.03 -6.02
N CYS A 103 18.92 -18.63 -7.19
CA CYS A 103 17.83 -18.65 -8.16
C CYS A 103 16.86 -19.77 -7.80
N LEU A 104 15.64 -19.40 -7.41
CA LEU A 104 14.71 -20.38 -6.84
C LEU A 104 13.97 -21.18 -7.91
N LYS A 105 13.57 -20.53 -8.99
CA LYS A 105 12.86 -21.16 -10.08
C LYS A 105 13.35 -20.56 -11.39
N THR A 106 13.22 -21.34 -12.47
CA THR A 106 13.36 -20.82 -13.82
C THR A 106 12.10 -21.18 -14.58
N LEU A 107 11.39 -20.17 -15.04
CA LEU A 107 10.13 -20.37 -15.73
C LEU A 107 10.40 -20.47 -17.22
N LYS A 108 10.02 -21.62 -17.78
CA LYS A 108 10.36 -22.02 -19.14
C LYS A 108 9.06 -22.29 -19.88
N GLY A 109 8.99 -21.82 -21.10
CA GLY A 109 7.75 -22.01 -21.83
C GLY A 109 7.49 -20.99 -22.92
N HIS A 110 7.92 -19.75 -22.70
CA HIS A 110 7.94 -18.81 -23.80
C HIS A 110 8.84 -19.38 -24.87
N SER A 111 8.49 -19.11 -26.14
CA SER A 111 9.31 -19.57 -27.26
C SER A 111 10.15 -18.46 -27.88
N ASN A 112 10.29 -17.33 -27.20
CA ASN A 112 11.19 -16.28 -27.70
C ASN A 112 11.52 -15.34 -26.53
N TYR A 113 12.01 -14.16 -26.86
CA TYR A 113 12.46 -13.21 -25.85
C TYR A 113 11.31 -12.89 -24.89
N VAL A 114 11.58 -13.00 -23.60
CA VAL A 114 10.65 -12.48 -22.59
C VAL A 114 11.04 -11.04 -22.30
N PHE A 115 10.09 -10.11 -22.50
CA PHE A 115 10.29 -8.67 -22.48
C PHE A 115 9.89 -8.00 -21.18
N CYS A 116 8.89 -8.55 -20.48
CA CYS A 116 8.28 -7.88 -19.35
C CYS A 116 7.78 -8.93 -18.36
N CYS A 117 7.89 -8.61 -17.07
CA CYS A 117 7.45 -9.51 -16.00
C CYS A 117 6.91 -8.69 -14.84
N ASN A 118 6.07 -9.33 -14.01
CA ASN A 118 5.57 -8.71 -12.79
C ASN A 118 4.97 -9.78 -11.87
N PHE A 119 5.11 -9.54 -10.56
CA PHE A 119 4.39 -10.27 -9.52
C PHE A 119 2.98 -9.71 -9.35
N ASN A 120 2.05 -10.55 -8.96
CA ASN A 120 0.81 -10.00 -8.40
C ASN A 120 1.06 -9.58 -6.97
N PRO A 121 0.14 -8.81 -6.41
CA PRO A 121 0.23 -8.36 -5.02
C PRO A 121 0.44 -9.49 -4.02
N GLN A 122 -0.41 -10.54 -4.04
CA GLN A 122 -0.24 -11.70 -3.16
C GLN A 122 1.12 -12.36 -3.42
N SER A 123 1.72 -12.10 -4.58
CA SER A 123 3.07 -12.55 -4.90
C SER A 123 3.17 -14.07 -4.97
N ASN A 124 2.06 -14.75 -5.20
CA ASN A 124 2.05 -16.18 -5.53
C ASN A 124 1.96 -16.44 -7.02
N LEU A 125 1.75 -15.39 -7.84
CA LEU A 125 1.77 -15.52 -9.29
C LEU A 125 2.82 -14.60 -9.91
N ILE A 126 3.26 -14.96 -11.11
CA ILE A 126 3.99 -14.03 -11.96
C ILE A 126 3.32 -13.97 -13.34
N VAL A 127 3.30 -12.78 -13.92
CA VAL A 127 2.84 -12.57 -15.28
C VAL A 127 4.02 -12.08 -16.14
N SER A 128 4.08 -12.55 -17.38
CA SER A 128 5.20 -12.27 -18.26
C SER A 128 4.65 -12.05 -19.66
N GLY A 129 5.33 -11.19 -20.41
CA GLY A 129 4.97 -10.92 -21.80
C GLY A 129 6.18 -11.18 -22.69
N SER A 130 5.93 -11.69 -23.89
CA SER A 130 7.02 -12.18 -24.72
C SER A 130 6.94 -11.66 -26.16
N PHE A 131 8.12 -11.55 -26.78
CA PHE A 131 8.20 -11.41 -28.22
C PHE A 131 7.27 -12.38 -28.96
N ASP A 132 7.07 -13.62 -28.39
CA ASP A 132 6.19 -14.65 -28.95
C ASP A 132 4.70 -14.22 -28.94
N GLU A 133 4.36 -12.99 -28.54
CA GLU A 133 3.01 -12.42 -28.60
C GLU A 133 2.04 -12.99 -27.56
N SER A 134 2.53 -13.83 -26.63
CA SER A 134 1.73 -14.39 -25.56
C SER A 134 2.02 -13.74 -24.21
N VAL A 135 1.07 -13.92 -23.31
CA VAL A 135 1.14 -13.55 -21.90
C VAL A 135 0.95 -14.83 -21.11
N ARG A 136 1.90 -15.17 -20.25
CA ARG A 136 1.81 -16.39 -19.47
C ARG A 136 1.78 -16.06 -17.97
N ILE A 137 0.95 -16.82 -17.25
CA ILE A 137 0.73 -16.66 -15.82
C ILE A 137 1.33 -17.87 -15.13
N TRP A 138 2.17 -17.62 -14.14
CA TRP A 138 2.98 -18.68 -13.58
C TRP A 138 2.78 -18.81 -12.07
N ASP A 139 3.11 -19.99 -11.57
CA ASP A 139 3.08 -20.28 -10.14
C ASP A 139 4.50 -20.03 -9.58
N VAL A 140 4.63 -19.06 -8.66
CA VAL A 140 5.97 -18.71 -8.17
C VAL A 140 6.48 -19.85 -7.27
N LYS A 141 5.58 -20.60 -6.65
CA LYS A 141 5.93 -21.76 -5.84
C LYS A 141 6.52 -22.88 -6.70
N THR A 142 5.68 -23.51 -7.53
CA THR A 142 6.07 -24.69 -8.31
C THR A 142 6.87 -24.38 -9.59
N GLY A 143 6.89 -23.13 -10.03
CA GLY A 143 7.41 -22.78 -11.34
C GLY A 143 6.53 -23.15 -12.52
N LYS A 144 5.43 -23.88 -12.31
CA LYS A 144 4.65 -24.34 -13.44
C LYS A 144 3.87 -23.19 -14.08
N CYS A 145 3.71 -23.27 -15.40
CA CYS A 145 2.95 -22.26 -16.15
C CYS A 145 1.47 -22.59 -16.07
N LEU A 146 0.69 -21.69 -15.47
CA LEU A 146 -0.70 -21.99 -15.20
C LEU A 146 -1.64 -21.58 -16.32
N LYS A 147 -1.23 -20.64 -17.18
CA LYS A 147 -2.04 -20.22 -18.31
C LYS A 147 -1.14 -19.60 -19.36
N THR A 148 -1.48 -19.81 -20.63
CA THR A 148 -0.93 -19.06 -21.74
C THR A 148 -2.07 -18.41 -22.50
N LEU A 149 -1.98 -17.10 -22.72
CA LEU A 149 -3.07 -16.36 -23.35
C LEU A 149 -2.65 -15.86 -24.72
N PRO A 150 -3.46 -16.10 -25.80
CA PRO A 150 -3.12 -15.60 -27.14
C PRO A 150 -3.35 -14.10 -27.20
N ALA A 151 -2.47 -13.37 -26.53
CA ALA A 151 -2.84 -12.05 -26.06
C ALA A 151 -2.87 -11.06 -27.19
N HIS A 152 -1.88 -11.14 -28.09
CA HIS A 152 -1.63 -10.10 -29.06
C HIS A 152 -1.13 -10.69 -30.36
N SER A 153 -1.10 -9.84 -31.38
CA SER A 153 -0.59 -10.21 -32.71
C SER A 153 0.77 -9.56 -33.00
N ASP A 154 1.44 -9.05 -31.98
CA ASP A 154 2.81 -8.57 -32.08
C ASP A 154 3.45 -8.74 -30.72
N PRO A 155 4.74 -8.42 -30.56
CA PRO A 155 5.37 -8.59 -29.26
C PRO A 155 4.68 -7.79 -28.15
N VAL A 156 4.60 -8.42 -26.97
CA VAL A 156 4.05 -7.82 -25.77
C VAL A 156 5.11 -6.95 -25.10
N SER A 157 4.77 -5.68 -24.81
CA SER A 157 5.69 -4.71 -24.23
C SER A 157 5.61 -4.58 -22.71
N ALA A 158 4.45 -4.83 -22.08
CA ALA A 158 4.33 -4.67 -20.64
C ALA A 158 3.22 -5.58 -20.13
N VAL A 159 3.34 -6.01 -18.87
CA VAL A 159 2.24 -6.71 -18.21
C VAL A 159 2.21 -6.29 -16.75
N HIS A 160 1.03 -5.91 -16.28
CA HIS A 160 0.91 -5.41 -14.92
C HIS A 160 -0.35 -5.98 -14.30
N PHE A 161 -0.23 -6.44 -13.06
CA PHE A 161 -1.42 -6.79 -12.29
C PHE A 161 -2.03 -5.53 -11.68
N ASN A 162 -3.35 -5.58 -11.38
CA ASN A 162 -3.99 -4.51 -10.60
C ASN A 162 -3.93 -4.79 -9.08
N ARG A 163 -4.53 -3.87 -8.32
CA ARG A 163 -4.27 -3.82 -6.88
C ARG A 163 -4.69 -5.09 -6.14
N ASP A 164 -5.58 -5.91 -6.69
CA ASP A 164 -5.90 -7.14 -5.99
C ASP A 164 -5.59 -8.40 -6.80
N GLY A 165 -4.81 -8.26 -7.88
CA GLY A 165 -4.41 -9.40 -8.68
C GLY A 165 -5.47 -10.00 -9.58
N SER A 166 -6.70 -9.45 -9.58
CA SER A 166 -7.80 -10.04 -10.34
C SER A 166 -7.71 -9.71 -11.83
N LEU A 167 -7.01 -8.64 -12.17
CA LEU A 167 -6.88 -8.18 -13.54
C LEU A 167 -5.40 -8.05 -13.91
N ILE A 168 -5.14 -8.28 -15.19
CA ILE A 168 -3.85 -8.05 -15.83
C ILE A 168 -4.09 -7.11 -16.98
N VAL A 169 -3.30 -6.05 -17.07
CA VAL A 169 -3.25 -5.22 -18.27
C VAL A 169 -1.99 -5.55 -19.03
N SER A 170 -2.13 -5.76 -20.35
CA SER A 170 -1.00 -5.96 -21.25
C SER A 170 -1.05 -4.91 -22.36
N SER A 171 0.12 -4.65 -22.95
CA SER A 171 0.21 -3.80 -24.12
C SER A 171 1.13 -4.46 -25.12
N SER A 172 0.91 -4.13 -26.39
CA SER A 172 1.65 -4.71 -27.50
C SER A 172 2.04 -3.63 -28.50
N TYR A 173 3.12 -3.90 -29.23
CA TYR A 173 3.40 -3.20 -30.49
C TYR A 173 2.23 -3.32 -31.47
N ASP A 174 1.29 -4.26 -31.23
CA ASP A 174 0.14 -4.23 -32.12
C ASP A 174 -0.77 -3.01 -31.85
N GLY A 175 -0.47 -2.04 -30.98
CA GLY A 175 -1.32 -0.89 -30.80
C GLY A 175 -2.45 -1.02 -29.80
N LEU A 176 -2.62 -2.20 -29.19
CA LEU A 176 -3.64 -2.48 -28.19
C LEU A 176 -3.11 -2.54 -26.75
N CYS A 177 -3.96 -2.15 -25.79
CA CYS A 177 -3.88 -2.64 -24.40
C CYS A 177 -5.11 -3.50 -24.14
N ARG A 178 -4.89 -4.61 -23.45
CA ARG A 178 -5.98 -5.49 -23.09
C ARG A 178 -5.97 -5.76 -21.59
N ILE A 179 -7.15 -5.84 -21.01
CA ILE A 179 -7.31 -6.20 -19.61
C ILE A 179 -7.87 -7.61 -19.55
N TRP A 180 -7.14 -8.48 -18.87
CA TRP A 180 -7.42 -9.90 -18.82
C TRP A 180 -7.88 -10.30 -17.43
N ASP A 181 -8.81 -11.25 -17.39
CA ASP A 181 -9.28 -11.80 -16.11
C ASP A 181 -8.32 -12.87 -15.64
N THR A 182 -7.68 -12.63 -14.50
CA THR A 182 -6.64 -13.53 -14.01
C THR A 182 -7.12 -14.96 -13.81
N ALA A 183 -8.24 -15.12 -13.11
CA ALA A 183 -8.72 -16.47 -12.84
C ALA A 183 -9.10 -17.19 -14.13
N SER A 184 -9.88 -16.52 -14.98
CA SER A 184 -10.55 -17.18 -16.10
C SER A 184 -9.72 -17.17 -17.36
N GLY A 185 -8.74 -16.27 -17.44
CA GLY A 185 -7.96 -16.16 -18.65
C GLY A 185 -8.66 -15.44 -19.77
N GLN A 186 -9.69 -14.67 -19.46
CA GLN A 186 -10.54 -14.14 -20.50
C GLN A 186 -10.24 -12.68 -20.73
N CYS A 187 -10.24 -12.29 -22.00
CA CYS A 187 -10.03 -10.90 -22.37
C CYS A 187 -11.28 -10.13 -22.01
N LEU A 188 -11.16 -9.25 -21.02
CA LEU A 188 -12.29 -8.45 -20.56
C LEU A 188 -12.39 -7.12 -21.27
N LYS A 189 -11.30 -6.61 -21.82
CA LYS A 189 -11.41 -5.30 -22.42
C LYS A 189 -10.25 -5.05 -23.36
N THR A 190 -10.52 -4.30 -24.43
CA THR A 190 -9.52 -3.88 -25.39
C THR A 190 -9.60 -2.37 -25.50
N LEU A 191 -8.49 -1.69 -25.27
CA LEU A 191 -8.47 -0.24 -25.21
C LEU A 191 -7.98 0.30 -26.54
N ILE A 192 -8.74 1.22 -27.14
CA ILE A 192 -8.35 1.81 -28.43
C ILE A 192 -8.81 3.25 -28.48
N ASP A 193 -7.99 4.10 -29.07
CA ASP A 193 -8.25 5.52 -29.18
C ASP A 193 -8.62 5.86 -30.64
N ASP A 194 -8.26 7.07 -31.08
CA ASP A 194 -8.41 7.46 -32.48
C ASP A 194 -7.39 6.75 -33.34
N ASP A 195 -6.12 6.81 -32.96
CA ASP A 195 -5.10 6.03 -33.65
C ASP A 195 -4.61 4.88 -32.77
N ASN A 196 -3.88 3.98 -33.43
CA ASN A 196 -3.27 2.80 -32.81
C ASN A 196 -1.75 2.77 -33.00
N PRO A 197 -1.00 3.72 -32.43
CA PRO A 197 0.46 3.59 -32.42
C PRO A 197 0.85 2.42 -31.53
N PRO A 198 1.95 1.75 -31.82
CA PRO A 198 2.39 0.67 -30.92
C PRO A 198 2.44 1.16 -29.47
N VAL A 199 1.95 0.33 -28.56
CA VAL A 199 1.96 0.63 -27.14
C VAL A 199 3.21 -0.02 -26.56
N SER A 200 4.06 0.81 -25.98
CA SER A 200 5.35 0.37 -25.47
C SER A 200 5.35 0.11 -23.97
N PHE A 201 4.39 0.65 -23.24
CA PHE A 201 4.34 0.40 -21.80
C PHE A 201 2.92 0.59 -21.31
N VAL A 202 2.50 -0.23 -20.34
CA VAL A 202 1.20 -0.07 -19.71
C VAL A 202 1.31 -0.48 -18.23
N LYS A 203 0.62 0.21 -17.33
CA LYS A 203 0.43 -0.27 -15.96
C LYS A 203 -0.85 0.34 -15.38
N PHE A 204 -1.48 -0.40 -14.44
CA PHE A 204 -2.52 0.15 -13.59
C PHE A 204 -1.93 1.18 -12.62
N SER A 205 -2.77 2.12 -12.18
CA SER A 205 -2.48 2.95 -11.04
C SER A 205 -2.65 2.15 -9.77
N PRO A 206 -2.11 2.62 -8.65
CA PRO A 206 -2.21 1.84 -7.40
C PRO A 206 -3.63 1.49 -6.97
N ASN A 207 -4.60 2.41 -7.14
CA ASN A 207 -5.98 2.16 -6.75
C ASN A 207 -6.78 1.39 -7.82
N GLY A 208 -6.11 0.86 -8.84
CA GLY A 208 -6.68 -0.04 -9.84
C GLY A 208 -7.64 0.57 -10.83
N LYS A 209 -7.85 1.90 -10.80
CA LYS A 209 -8.93 2.56 -11.50
C LYS A 209 -8.49 3.21 -12.81
N TYR A 210 -7.20 3.52 -12.97
CA TYR A 210 -6.68 4.12 -14.19
C TYR A 210 -5.53 3.28 -14.73
N ILE A 211 -5.21 3.53 -15.99
CA ILE A 211 -4.18 2.79 -16.71
C ILE A 211 -3.30 3.84 -17.35
N LEU A 212 -1.99 3.75 -17.12
CA LEU A 212 -1.02 4.63 -17.76
C LEU A 212 -0.36 3.89 -18.92
N ALA A 213 -0.44 4.45 -20.11
CA ALA A 213 0.08 3.77 -21.30
C ALA A 213 0.96 4.72 -22.09
N ALA A 214 2.08 4.19 -22.56
CA ALA A 214 3.03 4.91 -23.39
C ALA A 214 2.98 4.32 -24.78
N THR A 215 2.96 5.18 -25.79
CA THR A 215 2.91 4.75 -27.18
C THR A 215 4.06 5.38 -27.95
N LEU A 216 4.57 4.63 -28.94
CA LEU A 216 5.75 5.04 -29.69
C LEU A 216 5.50 6.23 -30.60
N ASP A 217 4.56 7.10 -30.25
CA ASP A 217 4.35 8.37 -30.93
C ASP A 217 4.52 9.54 -29.95
N ASN A 218 5.55 9.45 -29.08
CA ASN A 218 5.93 10.58 -28.23
C ASN A 218 4.78 11.02 -27.35
N THR A 219 4.02 10.04 -26.85
CA THR A 219 2.77 10.29 -26.16
C THR A 219 2.60 9.30 -25.01
N LEU A 220 2.29 9.81 -23.82
CA LEU A 220 1.73 8.99 -22.75
C LEU A 220 0.25 9.35 -22.59
N LYS A 221 -0.57 8.37 -22.17
CA LYS A 221 -1.99 8.61 -21.94
C LYS A 221 -2.38 7.94 -20.63
N LEU A 222 -3.37 8.54 -19.96
CA LEU A 222 -4.01 8.02 -18.75
C LEU A 222 -5.45 7.62 -19.09
N TRP A 223 -5.78 6.35 -18.91
CA TRP A 223 -7.09 5.84 -19.25
C TRP A 223 -7.92 5.57 -18.00
N ASP A 224 -9.20 5.93 -18.05
CA ASP A 224 -10.11 5.40 -17.05
C ASP A 224 -10.41 3.95 -17.42
N TYR A 225 -10.08 3.00 -16.55
CA TYR A 225 -10.30 1.60 -16.90
C TYR A 225 -11.79 1.30 -17.14
N SER A 226 -12.65 1.57 -16.15
CA SER A 226 -14.03 1.05 -16.18
C SER A 226 -14.86 1.66 -17.32
N LYS A 227 -14.57 2.90 -17.72
CA LYS A 227 -15.16 3.57 -18.89
C LYS A 227 -14.35 3.41 -20.17
N GLY A 228 -13.20 2.73 -20.13
CA GLY A 228 -12.33 2.68 -21.29
C GLY A 228 -12.12 4.00 -22.03
N LYS A 229 -12.03 5.10 -21.29
CA LYS A 229 -11.97 6.44 -21.86
C LYS A 229 -10.65 7.11 -21.48
N CYS A 230 -10.00 7.73 -22.46
CA CYS A 230 -8.73 8.41 -22.22
C CYS A 230 -8.96 9.80 -21.63
N LEU A 231 -8.40 10.05 -20.45
CA LEU A 231 -8.59 11.24 -19.60
C LEU A 231 -7.53 12.32 -19.80
N LYS A 232 -6.26 11.96 -19.89
CA LYS A 232 -5.18 12.94 -20.02
C LYS A 232 -4.16 12.42 -21.02
N THR A 233 -3.36 13.34 -21.53
CA THR A 233 -2.21 12.98 -22.35
C THR A 233 -1.04 13.84 -21.93
N TYR A 234 0.17 13.30 -22.11
CA TYR A 234 1.40 13.99 -21.75
C TYR A 234 2.39 13.88 -22.89
N THR A 235 2.94 15.02 -23.29
CA THR A 235 3.81 15.07 -24.44
C THR A 235 4.84 16.17 -24.23
N GLY A 236 5.81 16.19 -25.13
CA GLY A 236 6.97 17.03 -25.03
C GLY A 236 8.26 16.24 -25.04
N HIS A 237 8.17 14.92 -24.86
CA HIS A 237 9.33 14.06 -24.78
C HIS A 237 9.51 13.29 -26.09
N LYS A 238 10.59 12.54 -26.19
CA LYS A 238 10.92 11.79 -27.40
C LYS A 238 10.79 10.31 -27.10
N ASN A 239 9.83 9.65 -27.77
CA ASN A 239 9.72 8.21 -27.58
C ASN A 239 9.13 7.56 -28.83
N GLU A 240 10.01 7.15 -29.73
CA GLU A 240 9.60 6.53 -30.98
C GLU A 240 10.11 5.12 -31.19
N LYS A 241 10.85 4.56 -30.24
CA LYS A 241 11.59 3.34 -30.56
C LYS A 241 11.71 2.41 -29.35
N TYR A 242 11.99 2.96 -28.18
CA TYR A 242 12.26 2.12 -27.02
C TYR A 242 11.05 2.04 -26.09
N CYS A 243 10.99 0.93 -25.35
CA CYS A 243 9.98 0.72 -24.32
C CYS A 243 10.49 1.43 -23.06
N ILE A 244 10.06 2.67 -22.91
CA ILE A 244 10.43 3.55 -21.81
C ILE A 244 9.33 3.49 -20.75
N PHE A 245 9.69 3.08 -19.51
CA PHE A 245 8.70 2.97 -18.45
C PHE A 245 8.16 4.37 -18.14
N ALA A 246 7.00 4.39 -17.52
CA ALA A 246 6.36 5.60 -17.01
C ALA A 246 5.93 5.31 -15.60
N ASN A 247 5.84 6.36 -14.79
CA ASN A 247 5.52 6.16 -13.38
C ASN A 247 4.49 7.15 -12.91
N PHE A 248 3.70 6.71 -11.94
CA PHE A 248 3.03 7.63 -11.04
C PHE A 248 3.98 7.98 -9.90
N SER A 249 4.15 9.28 -9.68
CA SER A 249 4.89 9.80 -8.54
C SER A 249 3.91 10.53 -7.65
N VAL A 250 3.80 10.10 -6.39
CA VAL A 250 2.66 10.45 -5.56
C VAL A 250 3.04 10.74 -4.12
N THR A 251 4.33 10.62 -3.81
CA THR A 251 4.81 10.83 -2.44
C THR A 251 4.90 12.29 -2.06
N GLY A 252 5.00 13.18 -3.03
CA GLY A 252 4.97 14.60 -2.77
C GLY A 252 3.80 15.21 -3.52
N GLY A 253 4.12 16.08 -4.47
CA GLY A 253 3.17 16.43 -5.49
C GLY A 253 2.74 15.21 -6.32
N LYS A 254 1.91 15.49 -7.30
CA LYS A 254 1.35 14.44 -8.14
C LYS A 254 1.87 14.61 -9.56
N TRP A 255 2.76 13.70 -9.99
CA TRP A 255 3.44 13.78 -11.27
C TRP A 255 3.36 12.46 -12.02
N ILE A 256 3.50 12.57 -13.34
CA ILE A 256 3.94 11.46 -14.18
C ILE A 256 5.44 11.67 -14.49
N VAL A 257 6.19 10.57 -14.51
CA VAL A 257 7.62 10.57 -14.79
C VAL A 257 7.93 9.55 -15.87
N SER A 258 8.82 9.92 -16.80
CA SER A 258 9.18 8.99 -17.86
C SER A 258 10.56 9.32 -18.42
N GLY A 259 11.29 8.27 -18.81
CA GLY A 259 12.49 8.44 -19.60
C GLY A 259 12.21 9.01 -20.98
N SER A 260 13.24 9.24 -21.76
CA SER A 260 13.03 9.91 -23.03
C SER A 260 14.26 9.68 -23.88
N GLU A 261 14.04 9.58 -25.20
CA GLU A 261 15.10 9.34 -26.17
C GLU A 261 16.01 10.54 -26.41
N ASP A 262 15.67 11.71 -25.88
CA ASP A 262 16.56 12.87 -25.90
C ASP A 262 17.44 12.97 -24.63
N ASN A 263 17.57 11.90 -23.86
CA ASN A 263 18.47 11.75 -22.72
C ASN A 263 17.95 12.41 -21.41
N LEU A 264 16.74 12.99 -21.39
CA LEU A 264 16.19 13.64 -20.21
C LEU A 264 15.15 12.78 -19.52
N VAL A 265 14.97 13.00 -18.22
CA VAL A 265 13.79 12.50 -17.49
C VAL A 265 12.74 13.61 -17.51
N TYR A 266 11.57 13.31 -18.06
CA TYR A 266 10.46 14.28 -18.01
C TYR A 266 9.56 14.03 -16.81
N ILE A 267 9.04 15.12 -16.24
CA ILE A 267 8.10 15.09 -15.12
C ILE A 267 6.96 16.05 -15.42
N TRP A 268 5.74 15.53 -15.41
CA TRP A 268 4.55 16.33 -15.72
C TRP A 268 3.65 16.46 -14.51
N ASN A 269 2.99 17.61 -14.40
CA ASN A 269 1.88 17.73 -13.46
C ASN A 269 0.82 16.71 -13.82
N LEU A 270 0.48 15.82 -12.90
CA LEU A 270 -0.49 14.79 -13.23
C LEU A 270 -1.74 15.40 -13.83
N GLN A 271 -2.27 16.44 -13.18
CA GLN A 271 -3.62 16.93 -13.53
C GLN A 271 -3.60 17.89 -14.71
N THR A 272 -2.71 18.88 -14.70
CA THR A 272 -2.66 19.84 -15.80
C THR A 272 -2.07 19.23 -17.07
N LYS A 273 -1.10 18.34 -16.93
CA LYS A 273 -0.36 17.73 -18.02
C LYS A 273 0.79 18.60 -18.46
N GLU A 274 1.07 19.70 -17.75
CA GLU A 274 2.19 20.58 -18.10
C GLU A 274 3.50 20.00 -17.60
N ILE A 275 4.50 19.97 -18.47
CA ILE A 275 5.84 19.58 -18.04
C ILE A 275 6.33 20.54 -16.99
N VAL A 276 6.80 20.00 -15.87
CA VAL A 276 7.24 20.82 -14.77
C VAL A 276 8.73 20.70 -14.48
N GLN A 277 9.41 19.66 -14.98
CA GLN A 277 10.84 19.51 -14.76
C GLN A 277 11.40 18.60 -15.85
N LYS A 278 12.64 18.92 -16.31
CA LYS A 278 13.42 18.06 -17.19
C LYS A 278 14.80 17.84 -16.58
N LEU A 279 15.05 16.62 -16.12
CA LEU A 279 16.27 16.27 -15.41
C LEU A 279 17.38 15.97 -16.40
N GLN A 280 18.39 16.83 -16.42
CA GLN A 280 19.47 16.74 -17.40
C GLN A 280 20.69 16.06 -16.80
N GLY A 281 21.32 15.16 -17.56
CA GLY A 281 22.47 14.50 -16.94
C GLY A 281 22.98 13.22 -17.55
N HIS A 282 22.09 12.39 -18.06
CA HIS A 282 22.51 11.17 -18.73
C HIS A 282 23.06 11.46 -20.14
N THR A 283 23.65 10.42 -20.75
CA THR A 283 24.27 10.62 -22.07
C THR A 283 23.74 9.72 -23.17
N ASP A 284 22.85 8.79 -22.88
CA ASP A 284 22.16 7.97 -23.84
C ASP A 284 20.68 7.94 -23.49
N VAL A 285 19.91 7.15 -24.23
CA VAL A 285 18.47 7.16 -24.03
C VAL A 285 18.16 6.79 -22.59
N VAL A 286 17.19 7.47 -21.98
CA VAL A 286 16.74 7.11 -20.64
C VAL A 286 15.62 6.09 -20.82
N ILE A 287 15.99 4.82 -20.71
CA ILE A 287 15.08 3.71 -20.92
C ILE A 287 14.13 3.48 -19.76
N SER A 288 14.53 3.78 -18.52
CA SER A 288 13.72 3.37 -17.40
C SER A 288 13.82 4.36 -16.25
N THR A 289 12.71 4.51 -15.51
CA THR A 289 12.68 5.31 -14.31
C THR A 289 11.76 4.62 -13.31
N ALA A 290 12.03 4.86 -12.03
CA ALA A 290 11.29 4.30 -10.92
C ALA A 290 11.10 5.41 -9.89
N CYS A 291 9.99 5.36 -9.18
CA CYS A 291 9.69 6.30 -8.10
C CYS A 291 9.67 5.56 -6.77
N HIS A 292 10.38 6.12 -5.79
CA HIS A 292 10.51 5.51 -4.48
C HIS A 292 9.14 5.41 -3.82
N PRO A 293 8.84 4.30 -3.15
CA PRO A 293 7.48 4.11 -2.60
C PRO A 293 7.08 5.14 -1.53
N THR A 294 8.01 5.67 -0.69
CA THR A 294 7.63 6.64 0.34
C THR A 294 8.30 8.00 0.24
N GLU A 295 9.42 8.12 -0.46
CA GLU A 295 10.20 9.36 -0.52
C GLU A 295 10.19 9.95 -1.92
N ASN A 296 10.38 11.28 -1.98
CA ASN A 296 10.58 11.97 -3.24
C ASN A 296 11.95 11.69 -3.83
N ILE A 297 12.20 10.43 -4.17
CA ILE A 297 13.38 9.99 -4.91
C ILE A 297 12.95 9.40 -6.25
N ILE A 298 13.67 9.74 -7.33
CA ILE A 298 13.52 9.16 -8.66
C ILE A 298 14.84 8.49 -9.05
N ALA A 299 14.77 7.25 -9.55
CA ALA A 299 15.89 6.61 -10.20
C ALA A 299 15.69 6.61 -11.72
N SER A 300 16.78 6.89 -12.46
CA SER A 300 16.79 6.86 -13.92
C SER A 300 17.97 6.00 -14.40
N ALA A 301 17.80 5.33 -15.54
CA ALA A 301 18.83 4.46 -16.13
C ALA A 301 18.91 4.68 -17.63
N ALA A 302 20.13 4.61 -18.22
CA ALA A 302 20.31 4.88 -19.66
C ALA A 302 20.96 3.71 -20.40
N LEU A 303 20.97 3.86 -21.73
CA LEU A 303 21.35 2.79 -22.64
C LEU A 303 22.88 2.76 -22.84
N GLU A 304 23.32 2.17 -23.96
CA GLU A 304 24.68 1.66 -24.15
C GLU A 304 25.74 2.73 -23.97
N ASN A 305 25.50 3.93 -24.48
CA ASN A 305 26.49 5.01 -24.48
C ASN A 305 26.58 5.73 -23.13
N ASP A 306 26.00 5.16 -22.08
CA ASP A 306 25.95 5.77 -20.74
C ASP A 306 26.22 4.71 -19.68
N LYS A 307 25.40 3.65 -19.64
CA LYS A 307 25.48 2.54 -18.67
C LYS A 307 25.31 2.91 -17.19
N THR A 308 25.10 4.19 -16.86
CA THR A 308 24.94 4.62 -15.47
C THR A 308 23.46 4.76 -15.06
N ILE A 309 23.26 4.79 -13.76
CA ILE A 309 21.96 4.97 -13.11
C ILE A 309 22.03 6.23 -12.24
N LYS A 310 20.93 6.97 -12.19
CA LYS A 310 20.99 8.24 -11.47
C LYS A 310 19.86 8.38 -10.45
N LEU A 311 20.21 8.95 -9.29
CA LEU A 311 19.33 9.14 -8.15
C LEU A 311 19.11 10.63 -7.97
N TRP A 312 17.85 11.04 -8.01
CA TRP A 312 17.44 12.41 -7.87
C TRP A 312 16.51 12.49 -6.68
N LYS A 313 16.56 13.63 -5.96
CA LYS A 313 15.72 13.90 -4.81
C LYS A 313 15.12 15.28 -4.96
N SER A 314 13.88 15.40 -4.48
CA SER A 314 13.13 16.63 -4.58
C SER A 314 12.51 16.92 -3.22
N ASP A 315 12.14 18.19 -3.00
CA ASP A 315 11.45 18.60 -1.77
C ASP A 315 9.97 18.29 -1.82
N CYS A 316 9.48 17.79 -2.94
CA CYS A 316 8.07 17.50 -3.07
C CYS A 316 7.89 16.72 -4.37
N VAL B 13 -16.95 19.48 -2.01
CA VAL B 13 -17.02 20.37 -0.85
C VAL B 13 -17.76 19.74 0.35
N LYS B 14 -18.74 18.85 0.11
CA LYS B 14 -19.38 18.15 1.22
C LYS B 14 -19.70 16.74 0.74
N PRO B 15 -19.49 15.72 1.57
CA PRO B 15 -19.88 14.36 1.21
C PRO B 15 -21.37 14.14 1.39
N ASN B 16 -21.82 12.95 1.00
CA ASN B 16 -23.21 12.54 1.08
C ASN B 16 -23.33 11.06 1.45
N TYR B 17 -22.66 10.67 2.52
CA TYR B 17 -22.79 9.28 2.99
C TYR B 17 -24.24 8.96 3.30
N ALA B 18 -24.73 7.83 2.79
CA ALA B 18 -26.06 7.33 3.11
C ALA B 18 -25.97 5.90 3.62
N LEU B 19 -26.90 5.50 4.50
CA LEU B 19 -26.85 4.15 5.00
C LEU B 19 -27.27 3.16 3.93
N LYS B 20 -26.54 2.04 3.86
CA LYS B 20 -26.78 1.01 2.85
C LYS B 20 -27.03 -0.36 3.45
N PHE B 21 -26.36 -0.69 4.54
CA PHE B 21 -26.52 -2.00 5.17
C PHE B 21 -26.36 -1.86 6.68
N THR B 22 -27.14 -2.64 7.42
CA THR B 22 -26.97 -2.77 8.85
C THR B 22 -26.68 -4.24 9.14
N LEU B 23 -25.81 -4.50 10.10
CA LEU B 23 -25.19 -5.81 10.26
C LEU B 23 -25.32 -6.23 11.71
N ALA B 24 -26.14 -7.23 11.96
CA ALA B 24 -26.44 -7.61 13.34
C ALA B 24 -25.96 -9.02 13.58
N GLY B 25 -25.41 -9.26 14.76
CA GLY B 25 -24.94 -10.60 15.02
C GLY B 25 -24.24 -10.69 16.36
N HIS B 26 -23.35 -9.74 16.61
CA HIS B 26 -22.71 -9.67 17.92
C HIS B 26 -23.78 -9.54 19.00
N THR B 27 -23.65 -10.35 20.05
CA THR B 27 -24.58 -10.35 21.16
C THR B 27 -24.10 -9.47 22.31
N LYS B 28 -22.97 -8.78 22.17
CA LYS B 28 -22.63 -7.73 23.11
C LYS B 28 -22.07 -6.54 22.33
N ALA B 29 -21.48 -5.60 23.04
CA ALA B 29 -20.99 -4.38 22.39
C ALA B 29 -19.92 -4.71 21.35
N VAL B 30 -20.01 -4.06 20.19
CA VAL B 30 -18.91 -4.11 19.23
C VAL B 30 -17.78 -3.18 19.70
N SER B 31 -16.52 -3.63 19.59
CA SER B 31 -15.41 -2.81 20.03
C SER B 31 -14.60 -2.17 18.90
N SER B 32 -14.67 -2.70 17.69
N SER B 32 -14.68 -2.68 17.69
CA SER B 32 -13.87 -2.13 16.62
CA SER B 32 -13.87 -2.09 16.61
C SER B 32 -14.14 -2.83 15.29
C SER B 32 -14.10 -2.82 15.31
N VAL B 33 -14.17 -2.05 14.22
CA VAL B 33 -14.33 -2.58 12.87
C VAL B 33 -13.13 -2.11 12.07
N LYS B 34 -12.66 -2.96 11.17
CA LYS B 34 -11.54 -2.65 10.32
C LYS B 34 -11.78 -3.30 8.96
N PHE B 35 -11.66 -2.49 7.92
CA PHE B 35 -11.67 -3.06 6.59
C PHE B 35 -10.34 -3.77 6.30
N SER B 36 -10.42 -4.86 5.56
CA SER B 36 -9.24 -5.52 5.07
C SER B 36 -8.58 -4.68 3.97
N PRO B 37 -7.25 -4.71 3.91
CA PRO B 37 -6.54 -3.95 2.86
C PRO B 37 -7.00 -4.28 1.46
N ASN B 38 -7.28 -5.54 1.18
CA ASN B 38 -7.71 -5.78 -0.21
C ASN B 38 -9.09 -5.29 -0.49
N GLY B 39 -9.74 -4.52 0.39
CA GLY B 39 -11.04 -3.95 0.11
C GLY B 39 -12.21 -4.91 0.24
N GLU B 40 -11.96 -6.19 0.51
CA GLU B 40 -12.96 -7.23 0.33
C GLU B 40 -13.79 -7.49 1.58
N TRP B 41 -13.23 -7.31 2.76
CA TRP B 41 -13.86 -7.81 3.95
C TRP B 41 -13.91 -6.72 5.02
N LEU B 42 -14.67 -7.00 6.08
CA LEU B 42 -14.71 -6.17 7.27
C LEU B 42 -14.62 -7.12 8.46
N ALA B 43 -13.69 -6.89 9.36
CA ALA B 43 -13.71 -7.59 10.65
C ALA B 43 -14.33 -6.71 11.74
N SER B 44 -14.81 -7.38 12.80
CA SER B 44 -15.40 -6.72 13.97
C SER B 44 -15.04 -7.49 15.25
N SER B 45 -14.54 -6.78 16.25
CA SER B 45 -14.34 -7.37 17.56
C SER B 45 -15.50 -6.99 18.49
N SER B 46 -15.65 -7.74 19.58
CA SER B 46 -16.78 -7.54 20.47
C SER B 46 -16.44 -7.98 21.90
N ALA B 47 -17.14 -7.39 22.88
CA ALA B 47 -17.05 -7.86 24.26
C ALA B 47 -17.63 -9.26 24.41
N ASP B 48 -18.34 -9.77 23.39
CA ASP B 48 -18.82 -11.14 23.32
C ASP B 48 -17.70 -12.16 22.94
N LYS B 49 -16.44 -11.77 22.99
CA LYS B 49 -15.30 -12.68 22.82
C LYS B 49 -15.25 -13.31 21.42
N LEU B 50 -15.89 -12.69 20.43
CA LEU B 50 -15.89 -13.19 19.06
C LEU B 50 -15.32 -12.15 18.10
N ILE B 51 -14.86 -12.65 16.94
CA ILE B 51 -14.61 -11.84 15.77
C ILE B 51 -15.54 -12.36 14.69
N LYS B 52 -16.12 -11.45 13.93
CA LYS B 52 -16.94 -11.81 12.79
C LYS B 52 -16.38 -11.13 11.56
N ILE B 53 -16.47 -11.84 10.44
CA ILE B 53 -16.10 -11.32 9.14
C ILE B 53 -17.35 -11.17 8.30
N TRP B 54 -17.43 -10.04 7.60
CA TRP B 54 -18.56 -9.65 6.77
C TRP B 54 -18.02 -9.19 5.42
N GLY B 55 -18.73 -9.50 4.34
CA GLY B 55 -18.36 -8.93 3.06
C GLY B 55 -18.47 -7.41 3.10
N ALA B 56 -17.47 -6.75 2.53
CA ALA B 56 -17.33 -5.31 2.71
C ALA B 56 -18.29 -4.51 1.85
N TYR B 57 -18.80 -5.09 0.76
CA TYR B 57 -19.58 -4.30 -0.19
C TYR B 57 -21.08 -4.54 -0.09
N ASP B 58 -21.48 -5.76 0.36
CA ASP B 58 -22.86 -6.15 0.49
C ASP B 58 -23.27 -6.51 1.92
N GLY B 59 -22.33 -6.56 2.86
CA GLY B 59 -22.65 -6.83 4.25
C GLY B 59 -22.92 -8.28 4.60
N LYS B 60 -22.88 -9.19 3.63
CA LYS B 60 -23.17 -10.59 3.92
C LYS B 60 -22.24 -11.13 4.99
N PHE B 61 -22.83 -11.81 5.98
CA PHE B 61 -22.02 -12.52 6.96
C PHE B 61 -21.05 -13.49 6.30
N GLU B 62 -19.96 -13.84 7.00
CA GLU B 62 -19.02 -14.79 6.45
C GLU B 62 -18.79 -15.92 7.44
N LYS B 63 -18.12 -15.62 8.54
CA LYS B 63 -17.81 -16.67 9.49
C LYS B 63 -17.51 -16.02 10.83
N THR B 64 -17.47 -16.84 11.86
CA THR B 64 -17.14 -16.39 13.19
C THR B 64 -15.81 -17.02 13.60
N ILE B 65 -15.11 -16.37 14.51
CA ILE B 65 -13.77 -16.79 14.88
C ILE B 65 -13.69 -16.71 16.40
N SER B 66 -13.68 -17.86 17.06
CA SER B 66 -13.77 -17.96 18.51
C SER B 66 -12.51 -18.57 19.11
N GLY B 67 -12.24 -18.18 20.36
CA GLY B 67 -11.14 -18.74 21.12
C GLY B 67 -10.59 -17.83 22.19
N HIS B 68 -11.18 -16.65 22.31
CA HIS B 68 -10.79 -15.77 23.40
C HIS B 68 -11.68 -15.97 24.59
N LYS B 69 -11.11 -15.71 25.76
CA LYS B 69 -11.87 -15.54 26.98
C LYS B 69 -11.81 -14.05 27.34
N LEU B 70 -12.95 -13.51 27.77
CA LEU B 70 -13.08 -12.16 28.34
C LEU B 70 -13.33 -11.07 27.28
N GLY B 71 -13.35 -11.38 26.00
CA GLY B 71 -13.84 -10.40 25.06
C GLY B 71 -12.75 -9.50 24.51
N ILE B 72 -13.04 -8.96 23.32
CA ILE B 72 -12.02 -8.43 22.41
C ILE B 72 -12.22 -6.93 22.23
N SER B 73 -11.28 -6.14 22.77
CA SER B 73 -11.28 -4.71 22.59
C SER B 73 -10.88 -4.24 21.19
N ASP B 74 -10.16 -5.06 20.40
CA ASP B 74 -9.53 -4.55 19.18
C ASP B 74 -9.17 -5.68 18.23
N VAL B 75 -9.25 -5.38 16.93
CA VAL B 75 -8.88 -6.32 15.88
CA VAL B 75 -8.87 -6.32 15.87
C VAL B 75 -8.16 -5.55 14.76
N ALA B 76 -7.14 -6.19 14.16
CA ALA B 76 -6.31 -5.55 13.13
C ALA B 76 -5.92 -6.55 12.05
N TRP B 77 -6.00 -6.11 10.79
CA TRP B 77 -5.60 -6.96 9.67
C TRP B 77 -4.07 -6.91 9.44
N SER B 78 -3.61 -7.83 8.59
CA SER B 78 -2.23 -7.85 8.08
C SER B 78 -2.23 -7.45 6.60
N SER B 79 -1.02 -7.12 6.09
CA SER B 79 -0.88 -6.37 4.83
C SER B 79 -1.49 -7.11 3.65
N ASP B 80 -1.53 -8.43 3.70
CA ASP B 80 -2.04 -9.24 2.60
C ASP B 80 -3.49 -9.65 2.78
N SER B 81 -4.12 -9.28 3.89
CA SER B 81 -5.53 -9.60 4.14
C SER B 81 -5.73 -11.07 4.51
N ASN B 82 -4.80 -11.64 5.23
CA ASN B 82 -4.80 -13.08 5.48
C ASN B 82 -4.72 -13.43 6.95
N LEU B 83 -4.20 -12.54 7.78
CA LEU B 83 -4.09 -12.77 9.21
C LEU B 83 -4.78 -11.64 9.96
N LEU B 84 -5.50 -12.01 11.02
CA LEU B 84 -6.00 -11.06 12.00
C LEU B 84 -5.19 -11.15 13.29
N VAL B 85 -5.01 -10.02 13.94
CA VAL B 85 -4.57 -9.99 15.33
C VAL B 85 -5.69 -9.34 16.16
N SER B 86 -5.79 -9.69 17.44
CA SER B 86 -6.89 -9.25 18.31
C SER B 86 -6.44 -9.12 19.76
N ALA B 87 -6.64 -7.95 20.36
CA ALA B 87 -6.26 -7.71 21.76
C ALA B 87 -7.47 -7.98 22.67
N SER B 88 -7.27 -8.84 23.67
CA SER B 88 -8.37 -9.39 24.43
C SER B 88 -8.22 -9.07 25.91
N ASP B 89 -9.36 -9.09 26.60
CA ASP B 89 -9.38 -8.93 28.04
C ASP B 89 -8.70 -10.09 28.75
N ASP B 90 -8.49 -11.23 28.08
CA ASP B 90 -7.82 -12.32 28.78
C ASP B 90 -6.31 -12.14 28.87
N LYS B 91 -5.82 -10.91 28.71
CA LYS B 91 -4.41 -10.55 28.81
C LYS B 91 -3.58 -11.02 27.60
N THR B 92 -4.19 -11.66 26.59
CA THR B 92 -3.42 -12.19 25.47
C THR B 92 -3.93 -11.66 24.14
N LEU B 93 -3.00 -11.58 23.18
CA LEU B 93 -3.24 -11.34 21.77
C LEU B 93 -3.24 -12.68 21.04
N LYS B 94 -4.01 -12.77 19.96
CA LYS B 94 -4.08 -14.00 19.17
C LYS B 94 -4.09 -13.66 17.67
N ILE B 95 -3.22 -14.33 16.91
CA ILE B 95 -3.10 -14.15 15.47
C ILE B 95 -3.88 -15.26 14.77
N TRP B 96 -4.83 -14.89 13.91
CA TRP B 96 -5.76 -15.84 13.32
C TRP B 96 -5.54 -15.93 11.82
N ASP B 97 -5.39 -17.15 11.33
CA ASP B 97 -5.52 -17.35 9.89
C ASP B 97 -6.96 -17.09 9.50
N VAL B 98 -7.17 -16.07 8.68
CA VAL B 98 -8.53 -15.65 8.39
C VAL B 98 -9.29 -16.74 7.64
N SER B 99 -8.60 -17.58 6.88
CA SER B 99 -9.31 -18.54 6.04
CA SER B 99 -9.29 -18.55 6.04
C SER B 99 -9.82 -19.74 6.83
N SER B 100 -9.13 -20.13 7.90
CA SER B 100 -9.45 -21.34 8.65
C SER B 100 -9.97 -21.07 10.07
N GLY B 101 -10.07 -19.81 10.47
CA GLY B 101 -10.43 -19.51 11.84
C GLY B 101 -9.37 -19.90 12.86
N LYS B 102 -8.49 -20.85 12.54
CA LYS B 102 -7.60 -21.41 13.55
C LYS B 102 -6.67 -20.33 14.09
N CYS B 103 -6.63 -20.24 15.41
CA CYS B 103 -5.63 -19.43 16.10
C CYS B 103 -4.24 -20.02 15.84
N LEU B 104 -3.35 -19.21 15.27
CA LEU B 104 -1.99 -19.63 14.94
C LEU B 104 -0.98 -19.31 16.04
N LYS B 105 -1.25 -18.32 16.88
CA LYS B 105 -0.37 -18.04 17.99
C LYS B 105 -1.17 -17.31 19.05
N THR B 106 -0.78 -17.49 20.31
CA THR B 106 -1.46 -16.88 21.44
C THR B 106 -0.41 -16.04 22.17
N LEU B 107 -0.12 -14.86 21.62
CA LEU B 107 0.86 -13.94 22.17
C LEU B 107 0.63 -13.69 23.66
N LYS B 108 1.41 -14.33 24.53
CA LYS B 108 1.33 -14.16 25.98
C LYS B 108 2.52 -13.34 26.44
N GLY B 109 2.28 -12.40 27.34
CA GLY B 109 3.33 -11.48 27.75
C GLY B 109 2.83 -10.31 28.59
N HIS B 110 1.68 -9.75 28.22
CA HIS B 110 1.10 -8.64 28.97
C HIS B 110 0.53 -9.15 30.29
N SER B 111 0.57 -8.29 31.31
CA SER B 111 0.07 -8.68 32.63
C SER B 111 -1.33 -8.13 32.95
N ASN B 112 -1.99 -7.49 31.99
CA ASN B 112 -3.38 -7.06 32.14
C ASN B 112 -4.06 -7.06 30.78
N TYR B 113 -5.28 -6.53 30.73
CA TYR B 113 -6.05 -6.50 29.50
C TYR B 113 -5.21 -5.95 28.36
N VAL B 114 -5.40 -6.50 27.17
CA VAL B 114 -4.81 -5.95 25.94
C VAL B 114 -5.88 -5.19 25.18
N PHE B 115 -5.66 -3.87 25.06
CA PHE B 115 -6.63 -2.89 24.56
C PHE B 115 -6.51 -2.60 23.06
N CYS B 116 -5.31 -2.55 22.51
CA CYS B 116 -5.11 -2.15 21.12
C CYS B 116 -3.98 -2.96 20.50
N CYS B 117 -4.09 -3.19 19.19
CA CYS B 117 -3.08 -3.95 18.45
C CYS B 117 -3.07 -3.54 16.98
N ASN B 118 -2.00 -3.92 16.28
CA ASN B 118 -1.82 -3.53 14.88
C ASN B 118 -0.61 -4.24 14.31
N PHE B 119 -0.69 -4.57 13.03
CA PHE B 119 0.46 -5.06 12.26
C PHE B 119 1.29 -3.91 11.75
N ASN B 120 2.58 -4.16 11.62
CA ASN B 120 3.42 -3.23 10.89
C ASN B 120 3.26 -3.50 9.40
N PRO B 121 3.65 -2.53 8.55
CA PRO B 121 3.29 -2.69 7.13
C PRO B 121 3.96 -3.91 6.52
N GLN B 122 5.13 -4.32 7.03
CA GLN B 122 5.73 -5.57 6.58
C GLN B 122 4.93 -6.79 7.08
N SER B 123 4.30 -6.68 8.25
CA SER B 123 3.46 -7.74 8.80
C SER B 123 4.27 -8.93 9.30
N ASN B 124 5.48 -8.65 9.76
CA ASN B 124 6.25 -9.56 10.58
C ASN B 124 6.31 -9.11 12.03
N LEU B 125 5.97 -7.87 12.32
CA LEU B 125 5.76 -7.42 13.68
C LEU B 125 4.28 -7.20 13.99
N ILE B 126 3.93 -7.30 15.28
CA ILE B 126 2.65 -6.86 15.81
C ILE B 126 2.94 -5.96 17.00
N VAL B 127 2.27 -4.82 17.05
CA VAL B 127 2.39 -3.95 18.21
C VAL B 127 1.11 -4.10 19.04
N SER B 128 1.20 -3.75 20.32
CA SER B 128 0.11 -3.97 21.26
C SER B 128 0.29 -3.05 22.46
N GLY B 129 -0.84 -2.55 22.96
CA GLY B 129 -0.97 -1.72 24.14
C GLY B 129 -1.91 -2.42 25.12
N SER B 130 -1.83 -2.04 26.40
CA SER B 130 -2.45 -2.78 27.49
C SER B 130 -2.72 -1.86 28.67
N PHE B 131 -3.71 -2.28 29.47
CA PHE B 131 -4.01 -1.63 30.75
C PHE B 131 -2.77 -1.59 31.64
N ASP B 132 -1.85 -2.54 31.44
CA ASP B 132 -0.62 -2.64 32.19
C ASP B 132 0.40 -1.53 31.84
N GLU B 133 0.12 -0.65 30.88
CA GLU B 133 0.92 0.56 30.71
C GLU B 133 2.14 0.36 29.81
N SER B 134 2.26 -0.85 29.25
CA SER B 134 3.39 -1.22 28.43
C SER B 134 2.95 -1.53 27.00
N VAL B 135 3.79 -1.12 26.03
CA VAL B 135 3.69 -1.54 24.64
C VAL B 135 4.66 -2.70 24.43
N ARG B 136 4.23 -3.70 23.65
CA ARG B 136 5.09 -4.83 23.28
C ARG B 136 5.11 -4.97 21.77
N ILE B 137 6.31 -5.06 21.20
CA ILE B 137 6.52 -5.49 19.82
C ILE B 137 6.64 -7.02 19.84
N TRP B 138 5.74 -7.69 19.15
CA TRP B 138 5.78 -9.13 19.08
C TRP B 138 6.46 -9.56 17.78
N ASP B 139 6.67 -10.86 17.64
CA ASP B 139 7.14 -11.47 16.40
C ASP B 139 6.05 -12.40 15.89
N VAL B 140 5.51 -12.09 14.72
CA VAL B 140 4.45 -12.90 14.11
C VAL B 140 4.87 -14.37 14.06
N LYS B 141 6.05 -14.66 13.49
CA LYS B 141 6.47 -16.03 13.23
C LYS B 141 6.63 -16.84 14.53
N THR B 142 7.35 -16.28 15.50
CA THR B 142 7.63 -16.97 16.74
C THR B 142 6.67 -16.61 17.87
N GLY B 143 5.93 -15.52 17.74
CA GLY B 143 4.99 -15.14 18.78
C GLY B 143 5.65 -14.86 20.11
N LYS B 144 6.86 -14.32 20.11
CA LYS B 144 7.50 -13.90 21.35
C LYS B 144 7.68 -12.40 21.31
N CYS B 145 7.44 -11.76 22.45
CA CYS B 145 7.74 -10.35 22.54
C CYS B 145 9.23 -10.13 22.22
N LEU B 146 9.52 -9.10 21.42
CA LEU B 146 10.89 -8.75 21.10
C LEU B 146 11.35 -7.54 21.89
N LYS B 147 10.43 -6.72 22.37
CA LYS B 147 10.77 -5.50 23.10
C LYS B 147 9.57 -5.14 23.97
N THR B 148 9.82 -4.85 25.23
CA THR B 148 8.76 -4.39 26.11
C THR B 148 9.09 -2.95 26.45
N LEU B 149 8.18 -2.03 26.14
CA LEU B 149 8.54 -0.65 26.38
C LEU B 149 7.78 -0.10 27.58
N PRO B 150 8.48 0.60 28.52
CA PRO B 150 7.80 1.30 29.61
C PRO B 150 6.97 2.45 29.06
N ALA B 151 5.94 2.12 28.29
CA ALA B 151 5.36 3.13 27.43
C ALA B 151 4.82 4.30 28.25
N HIS B 152 4.01 4.03 29.27
CA HIS B 152 3.18 5.09 29.82
C HIS B 152 2.93 4.91 31.33
N SER B 153 2.61 6.03 32.00
CA SER B 153 2.21 6.04 33.41
C SER B 153 0.69 5.89 33.60
N ASP B 154 -0.03 5.22 32.65
CA ASP B 154 -1.43 4.79 32.69
C ASP B 154 -1.74 3.84 31.52
N PRO B 155 -2.95 3.28 31.44
CA PRO B 155 -3.28 2.38 30.32
C PRO B 155 -3.05 3.03 28.95
N VAL B 156 -2.55 2.25 28.02
CA VAL B 156 -2.35 2.71 26.65
C VAL B 156 -3.58 2.35 25.81
N SER B 157 -4.14 3.37 25.13
CA SER B 157 -5.35 3.27 24.32
C SER B 157 -5.13 2.82 22.89
N ALA B 158 -3.97 3.12 22.28
CA ALA B 158 -3.81 2.85 20.86
C ALA B 158 -2.32 2.68 20.55
N VAL B 159 -2.02 1.78 19.60
CA VAL B 159 -0.68 1.63 19.04
C VAL B 159 -0.79 1.50 17.52
N HIS B 160 0.14 2.15 16.80
CA HIS B 160 0.02 2.23 15.35
C HIS B 160 1.39 2.36 14.70
N PHE B 161 1.70 1.49 13.75
CA PHE B 161 2.86 1.68 12.90
C PHE B 161 2.58 2.76 11.86
N ASN B 162 3.62 3.52 11.50
CA ASN B 162 3.52 4.39 10.33
C ASN B 162 3.83 3.67 9.01
N ARG B 163 3.70 4.43 7.93
CA ARG B 163 3.75 3.89 6.58
C ARG B 163 5.00 3.05 6.32
N ASP B 164 6.19 3.63 6.56
CA ASP B 164 7.44 2.89 6.28
C ASP B 164 7.86 1.94 7.42
N GLY B 165 7.01 1.75 8.44
CA GLY B 165 7.24 0.80 9.53
C GLY B 165 8.30 1.20 10.55
N SER B 166 8.92 2.37 10.42
CA SER B 166 10.08 2.70 11.25
C SER B 166 9.68 3.29 12.59
N LEU B 167 8.41 3.60 12.78
CA LEU B 167 7.91 4.24 13.99
C LEU B 167 6.65 3.54 14.48
N ILE B 168 6.49 3.58 15.81
CA ILE B 168 5.24 3.24 16.50
C ILE B 168 4.77 4.48 17.23
N VAL B 169 3.50 4.84 17.08
CA VAL B 169 2.89 5.90 17.89
C VAL B 169 2.00 5.22 18.90
N SER B 170 1.98 5.76 20.12
CA SER B 170 1.13 5.26 21.20
C SER B 170 0.57 6.47 21.95
N SER B 171 -0.63 6.25 22.49
CA SER B 171 -1.38 7.21 23.30
C SER B 171 -1.79 6.48 24.57
N SER B 172 -2.14 7.24 25.58
CA SER B 172 -2.45 6.64 26.86
C SER B 172 -3.38 7.54 27.63
N TYR B 173 -4.05 6.98 28.63
CA TYR B 173 -4.82 7.84 29.51
C TYR B 173 -3.91 8.73 30.36
N ASP B 174 -2.59 8.49 30.35
CA ASP B 174 -1.68 9.44 31.00
C ASP B 174 -1.65 10.81 30.32
N GLY B 175 -2.27 10.96 29.15
CA GLY B 175 -2.30 12.25 28.48
C GLY B 175 -1.18 12.50 27.48
N LEU B 176 -0.42 11.45 27.13
CA LEU B 176 0.70 11.58 26.23
C LEU B 176 0.55 10.70 25.00
N CYS B 177 1.02 11.21 23.87
CA CYS B 177 1.43 10.40 22.73
C CYS B 177 2.94 10.26 22.68
N ARG B 178 3.41 9.05 22.42
CA ARG B 178 4.84 8.85 22.27
C ARG B 178 5.13 8.13 20.95
N ILE B 179 6.26 8.52 20.35
CA ILE B 179 6.76 7.93 19.12
C ILE B 179 7.96 7.07 19.47
N TRP B 180 7.90 5.80 19.08
CA TRP B 180 8.92 4.80 19.35
C TRP B 180 9.62 4.38 18.07
N ASP B 181 10.94 4.15 18.14
CA ASP B 181 11.70 3.54 17.03
C ASP B 181 11.48 2.03 17.01
N THR B 182 10.94 1.50 15.91
CA THR B 182 10.68 0.08 15.82
C THR B 182 11.94 -0.74 16.09
N ALA B 183 13.04 -0.37 15.42
CA ALA B 183 14.31 -1.08 15.53
C ALA B 183 14.84 -1.09 16.96
N SER B 184 15.16 0.11 17.49
CA SER B 184 15.78 0.25 18.81
C SER B 184 14.83 0.20 20.00
N GLY B 185 13.53 0.46 19.80
CA GLY B 185 12.64 0.66 20.94
C GLY B 185 12.74 2.02 21.59
N GLN B 186 13.72 2.83 21.24
CA GLN B 186 13.93 4.08 21.95
C GLN B 186 12.74 5.02 21.76
N CYS B 187 12.39 5.72 22.82
CA CYS B 187 11.43 6.81 22.66
C CYS B 187 12.12 7.97 21.96
N LEU B 188 11.55 8.37 20.84
CA LEU B 188 12.01 9.48 20.04
C LEU B 188 11.26 10.77 20.32
N LYS B 189 10.00 10.69 20.75
CA LYS B 189 9.17 11.88 20.87
C LYS B 189 8.03 11.61 21.86
N THR B 190 7.84 12.53 22.79
CA THR B 190 6.67 12.59 23.65
C THR B 190 5.93 13.85 23.25
N LEU B 191 4.64 13.75 22.97
CA LEU B 191 3.84 14.93 22.64
C LEU B 191 2.96 15.26 23.82
N ILE B 192 2.94 16.55 24.19
CA ILE B 192 2.13 17.08 25.27
C ILE B 192 1.65 18.45 24.83
N ASP B 193 0.39 18.77 25.14
CA ASP B 193 -0.17 20.07 24.75
C ASP B 193 0.01 21.14 25.82
N ASP B 194 -0.99 22.01 25.97
CA ASP B 194 -0.98 22.95 27.08
C ASP B 194 -1.52 22.26 28.31
N ASP B 195 -2.61 21.53 28.15
CA ASP B 195 -3.01 20.57 29.15
C ASP B 195 -2.55 19.21 28.69
N ASN B 196 -2.96 18.18 29.43
CA ASN B 196 -2.74 16.80 29.04
C ASN B 196 -3.97 15.95 29.38
N PRO B 197 -5.10 16.21 28.73
CA PRO B 197 -6.23 15.31 28.88
C PRO B 197 -5.84 13.92 28.43
N PRO B 198 -6.46 12.88 28.99
CA PRO B 198 -6.18 11.51 28.53
C PRO B 198 -6.30 11.37 27.01
N VAL B 199 -5.34 10.68 26.41
CA VAL B 199 -5.38 10.40 24.99
C VAL B 199 -6.01 9.03 24.79
N SER B 200 -7.24 9.02 24.22
CA SER B 200 -8.04 7.81 24.01
C SER B 200 -7.74 7.10 22.69
N PHE B 201 -7.20 7.80 21.70
CA PHE B 201 -6.85 7.15 20.46
C PHE B 201 -5.84 7.97 19.71
N VAL B 202 -4.95 7.26 19.01
CA VAL B 202 -3.95 7.90 18.17
C VAL B 202 -3.68 7.04 16.94
N LYS B 203 -3.35 7.71 15.86
CA LYS B 203 -2.86 6.99 14.70
C LYS B 203 -2.07 7.94 13.81
N PHE B 204 -1.21 7.36 12.97
CA PHE B 204 -0.50 8.06 11.92
C PHE B 204 -1.43 8.43 10.76
N SER B 205 -1.13 9.56 10.09
CA SER B 205 -1.72 9.78 8.77
C SER B 205 -1.26 8.70 7.81
N PRO B 206 -2.04 8.42 6.78
CA PRO B 206 -1.74 7.28 5.92
C PRO B 206 -0.40 7.41 5.21
N ASN B 207 0.08 8.62 4.90
CA ASN B 207 1.46 8.82 4.42
C ASN B 207 2.50 8.79 5.54
N GLY B 208 2.11 8.51 6.78
CA GLY B 208 3.01 8.44 7.92
C GLY B 208 3.61 9.75 8.38
N LYS B 209 3.25 10.88 7.80
CA LYS B 209 3.90 12.16 8.12
C LYS B 209 3.23 12.88 9.28
N TYR B 210 2.05 12.49 9.70
CA TYR B 210 1.35 13.24 10.72
C TYR B 210 0.66 12.26 11.65
N ILE B 211 0.06 12.80 12.70
CA ILE B 211 -0.59 12.00 13.72
C ILE B 211 -1.93 12.63 14.04
N LEU B 212 -2.93 11.78 14.24
CA LEU B 212 -4.26 12.21 14.63
C LEU B 212 -4.50 11.63 16.01
N ALA B 213 -4.79 12.52 16.96
CA ALA B 213 -4.94 12.16 18.37
C ALA B 213 -6.34 12.55 18.83
N ALA B 214 -7.00 11.65 19.55
CA ALA B 214 -8.27 11.93 20.21
C ALA B 214 -8.05 12.04 21.71
N THR B 215 -8.62 13.07 22.34
CA THR B 215 -8.55 13.21 23.79
C THR B 215 -9.95 13.33 24.41
N LEU B 216 -10.03 12.96 25.67
CA LEU B 216 -11.32 12.88 26.33
C LEU B 216 -11.79 14.24 26.80
N ASP B 217 -11.40 15.29 26.09
CA ASP B 217 -12.04 16.58 26.22
C ASP B 217 -12.77 16.91 24.92
N ASN B 218 -13.37 15.88 24.32
CA ASN B 218 -14.20 16.03 23.12
C ASN B 218 -13.43 16.67 21.98
N THR B 219 -12.21 16.17 21.71
CA THR B 219 -11.26 16.87 20.86
C THR B 219 -10.43 15.88 20.05
N LEU B 220 -10.27 16.16 18.75
CA LEU B 220 -9.33 15.51 17.83
C LEU B 220 -8.29 16.52 17.36
N LYS B 221 -7.02 16.11 17.33
CA LYS B 221 -5.94 17.03 16.98
C LYS B 221 -5.06 16.39 15.94
N LEU B 222 -4.75 17.16 14.90
CA LEU B 222 -3.77 16.75 13.92
C LEU B 222 -2.41 17.25 14.36
N TRP B 223 -1.47 16.32 14.54
CA TRP B 223 -0.17 16.61 15.09
C TRP B 223 0.93 16.36 14.05
N ASP B 224 1.72 17.40 13.76
CA ASP B 224 3.06 17.22 13.19
C ASP B 224 3.98 16.81 14.31
N TYR B 225 4.40 15.55 14.31
CA TYR B 225 5.09 15.03 15.47
C TYR B 225 6.58 15.36 15.50
N SER B 226 7.23 15.57 14.37
CA SER B 226 8.64 15.93 14.44
C SER B 226 8.80 17.31 15.10
N LYS B 227 8.22 18.36 14.47
CA LYS B 227 8.21 19.68 15.09
C LYS B 227 7.55 19.64 16.45
N GLY B 228 6.67 18.66 16.68
CA GLY B 228 5.91 18.59 17.92
C GLY B 228 4.87 19.69 18.05
N LYS B 229 4.16 20.01 16.97
CA LYS B 229 3.19 21.09 17.00
C LYS B 229 1.84 20.59 16.51
N CYS B 230 0.78 20.96 17.22
CA CYS B 230 -0.57 20.68 16.77
C CYS B 230 -0.94 21.62 15.64
N LEU B 231 -1.51 21.04 14.57
CA LEU B 231 -1.79 21.74 13.32
C LEU B 231 -3.25 22.05 13.09
N LYS B 232 -4.15 21.25 13.65
CA LYS B 232 -5.57 21.40 13.38
C LYS B 232 -6.33 20.69 14.48
N THR B 233 -7.47 21.26 14.86
CA THR B 233 -8.31 20.72 15.92
C THR B 233 -9.73 20.55 15.40
N TYR B 234 -10.36 19.42 15.74
CA TYR B 234 -11.74 19.10 15.32
C TYR B 234 -12.60 18.83 16.54
N THR B 235 -13.57 19.69 16.75
CA THR B 235 -14.56 19.55 17.79
C THR B 235 -15.95 19.57 17.18
N GLY B 236 -16.92 19.25 18.02
CA GLY B 236 -18.32 19.32 17.65
C GLY B 236 -19.06 18.10 18.15
N HIS B 237 -18.28 17.06 18.42
CA HIS B 237 -18.75 15.76 18.82
C HIS B 237 -18.55 15.59 20.33
N LYS B 238 -18.96 14.44 20.82
CA LYS B 238 -18.80 14.14 22.23
C LYS B 238 -17.88 12.93 22.39
N ASN B 239 -16.83 13.10 23.20
CA ASN B 239 -15.95 11.98 23.52
C ASN B 239 -15.28 12.32 24.86
N GLU B 240 -15.75 11.68 25.92
CA GLU B 240 -15.27 11.94 27.28
C GLU B 240 -14.94 10.67 28.03
N LYS B 241 -15.11 9.53 27.43
CA LYS B 241 -15.06 8.31 28.23
C LYS B 241 -14.39 7.19 27.45
N TYR B 242 -14.80 7.02 26.17
CA TYR B 242 -14.49 5.83 25.40
C TYR B 242 -13.35 6.07 24.42
N CYS B 243 -12.59 5.01 24.16
CA CYS B 243 -11.56 4.98 23.13
C CYS B 243 -12.30 4.79 21.81
N ILE B 244 -12.54 5.92 21.12
CA ILE B 244 -13.28 5.99 19.87
C ILE B 244 -12.29 6.16 18.73
N PHE B 245 -12.31 5.21 17.79
CA PHE B 245 -11.43 5.29 16.62
C PHE B 245 -11.78 6.48 15.75
N ALA B 246 -10.75 7.08 15.16
CA ALA B 246 -10.86 8.11 14.16
C ALA B 246 -10.07 7.65 12.94
N ASN B 247 -10.35 8.29 11.82
CA ASN B 247 -9.72 7.90 10.57
C ASN B 247 -9.64 9.13 9.68
N PHE B 248 -8.68 9.07 8.74
CA PHE B 248 -8.59 9.91 7.56
C PHE B 248 -9.33 9.20 6.44
N SER B 249 -10.16 9.95 5.72
CA SER B 249 -10.85 9.49 4.53
C SER B 249 -10.22 10.22 3.33
N VAL B 250 -9.74 9.46 2.36
CA VAL B 250 -8.97 10.07 1.28
C VAL B 250 -9.37 9.50 -0.09
N THR B 251 -10.26 8.52 -0.13
CA THR B 251 -10.62 7.96 -1.43
C THR B 251 -11.41 8.94 -2.27
N GLY B 252 -12.15 9.86 -1.65
CA GLY B 252 -12.83 10.93 -2.37
C GLY B 252 -12.44 12.29 -1.86
N GLY B 253 -13.35 13.01 -1.19
CA GLY B 253 -12.94 14.19 -0.45
C GLY B 253 -12.00 13.84 0.69
N LYS B 254 -11.29 14.85 1.21
CA LYS B 254 -10.38 14.66 2.34
C LYS B 254 -11.09 15.04 3.64
N TRP B 255 -11.41 14.04 4.45
CA TRP B 255 -12.16 14.22 5.68
C TRP B 255 -11.48 13.54 6.86
N ILE B 256 -11.80 14.02 8.05
CA ILE B 256 -11.60 13.27 9.28
C ILE B 256 -12.93 12.62 9.63
N VAL B 257 -12.89 11.34 10.02
CA VAL B 257 -14.10 10.57 10.34
C VAL B 257 -13.95 9.97 11.74
N SER B 258 -14.98 10.11 12.58
CA SER B 258 -14.92 9.61 13.94
C SER B 258 -16.34 9.32 14.45
N GLY B 259 -16.45 8.26 15.27
CA GLY B 259 -17.60 8.06 16.12
C GLY B 259 -17.66 9.07 17.26
N SER B 260 -18.71 8.94 18.04
CA SER B 260 -19.13 9.94 19.02
C SER B 260 -20.09 9.29 19.98
N GLU B 261 -20.04 9.76 21.21
CA GLU B 261 -20.84 9.26 22.32
C GLU B 261 -22.30 9.74 22.27
N ASP B 262 -22.65 10.64 21.35
CA ASP B 262 -24.03 10.93 21.06
C ASP B 262 -24.58 10.07 19.89
N ASN B 263 -23.96 8.92 19.60
CA ASN B 263 -24.45 7.93 18.63
C ASN B 263 -24.43 8.43 17.19
N LEU B 264 -23.71 9.50 16.87
CA LEU B 264 -23.55 9.97 15.52
C LEU B 264 -22.14 9.67 15.01
N VAL B 265 -21.98 9.55 13.68
CA VAL B 265 -20.67 9.51 13.05
C VAL B 265 -20.37 10.92 12.54
N TYR B 266 -19.28 11.51 13.03
CA TYR B 266 -18.89 12.86 12.64
C TYR B 266 -17.90 12.81 11.48
N ILE B 267 -18.07 13.71 10.51
CA ILE B 267 -17.17 13.85 9.37
C ILE B 267 -16.77 15.31 9.27
N TRP B 268 -15.48 15.59 9.28
CA TRP B 268 -15.01 16.96 9.19
C TRP B 268 -14.17 17.15 7.94
N ASN B 269 -14.22 18.36 7.40
CA ASN B 269 -13.28 18.72 6.35
C ASN B 269 -11.87 18.75 6.90
N LEU B 270 -10.95 18.03 6.26
CA LEU B 270 -9.59 17.92 6.81
C LEU B 270 -8.97 19.29 7.05
N GLN B 271 -9.08 20.19 6.07
CA GLN B 271 -8.35 21.46 6.16
C GLN B 271 -9.11 22.50 7.00
N THR B 272 -10.37 22.75 6.65
CA THR B 272 -11.14 23.82 7.29
C THR B 272 -11.54 23.53 8.72
N LYS B 273 -11.58 22.25 9.12
CA LYS B 273 -11.98 21.78 10.45
C LYS B 273 -13.49 21.85 10.63
N GLU B 274 -14.25 22.14 9.57
CA GLU B 274 -15.70 22.22 9.70
C GLU B 274 -16.36 20.85 9.59
N ILE B 275 -17.44 20.69 10.35
CA ILE B 275 -18.28 19.49 10.27
C ILE B 275 -19.06 19.51 8.97
N VAL B 276 -18.98 18.43 8.19
CA VAL B 276 -19.64 18.36 6.91
C VAL B 276 -20.75 17.33 6.89
N GLN B 277 -20.79 16.42 7.84
CA GLN B 277 -21.88 15.45 7.85
C GLN B 277 -21.87 14.73 9.18
N LYS B 278 -23.06 14.52 9.72
CA LYS B 278 -23.30 13.71 10.90
C LYS B 278 -24.22 12.59 10.45
N LEU B 279 -23.85 11.35 10.69
CA LEU B 279 -24.62 10.22 10.23
C LEU B 279 -25.50 9.71 11.39
N GLN B 280 -26.82 9.73 11.19
CA GLN B 280 -27.76 9.27 12.19
C GLN B 280 -28.26 7.86 11.92
N GLY B 281 -28.39 7.06 12.97
CA GLY B 281 -29.01 5.77 12.75
C GLY B 281 -28.66 4.83 13.87
N HIS B 282 -27.43 4.96 14.35
CA HIS B 282 -27.02 4.21 15.53
C HIS B 282 -27.77 4.72 16.74
N THR B 283 -27.89 3.85 17.74
CA THR B 283 -28.69 4.10 18.93
C THR B 283 -27.89 4.09 20.21
N ASP B 284 -26.58 3.83 20.15
CA ASP B 284 -25.68 3.85 21.30
C ASP B 284 -24.36 4.44 20.82
N VAL B 285 -23.40 4.52 21.74
CA VAL B 285 -22.14 5.19 21.44
C VAL B 285 -21.54 4.58 20.21
N VAL B 286 -21.17 5.42 19.25
CA VAL B 286 -20.48 4.92 18.06
C VAL B 286 -19.01 4.74 18.46
N ILE B 287 -18.60 3.51 18.76
CA ILE B 287 -17.27 3.24 19.29
C ILE B 287 -16.16 3.26 18.20
N SER B 288 -16.49 2.89 16.96
CA SER B 288 -15.45 2.59 15.99
C SER B 288 -15.97 3.00 14.62
N THR B 289 -15.09 3.54 13.79
CA THR B 289 -15.40 3.80 12.39
C THR B 289 -14.17 3.42 11.59
N ALA B 290 -14.37 3.10 10.31
CA ALA B 290 -13.30 2.63 9.46
C ALA B 290 -13.62 3.04 8.02
N CYS B 291 -12.60 3.52 7.29
CA CYS B 291 -12.73 3.93 5.90
C CYS B 291 -12.26 2.85 4.96
N HIS B 292 -12.99 2.67 3.87
CA HIS B 292 -12.64 1.61 2.94
C HIS B 292 -11.38 2.00 2.17
N PRO B 293 -10.50 1.05 1.87
CA PRO B 293 -9.29 1.39 1.12
C PRO B 293 -9.51 2.04 -0.24
N THR B 294 -10.43 1.54 -1.08
CA THR B 294 -10.55 2.05 -2.45
C THR B 294 -11.82 2.81 -2.76
N GLU B 295 -12.89 2.61 -1.99
CA GLU B 295 -14.19 3.23 -2.24
C GLU B 295 -14.58 4.15 -1.08
N ASN B 296 -15.44 5.13 -1.39
CA ASN B 296 -16.05 6.02 -0.39
C ASN B 296 -17.12 5.22 0.35
N ILE B 297 -16.65 4.34 1.23
CA ILE B 297 -17.47 3.52 2.10
C ILE B 297 -16.96 3.70 3.54
N ILE B 298 -17.89 3.84 4.50
CA ILE B 298 -17.62 3.98 5.92
C ILE B 298 -18.32 2.86 6.67
N ALA B 299 -17.61 2.22 7.59
CA ALA B 299 -18.17 1.21 8.47
C ALA B 299 -18.17 1.76 9.89
N SER B 300 -19.29 1.60 10.61
CA SER B 300 -19.40 2.13 11.96
C SER B 300 -20.11 1.11 12.83
N ALA B 301 -19.70 1.04 14.10
CA ALA B 301 -20.16 0.05 15.06
C ALA B 301 -20.48 0.75 16.36
N ALA B 302 -21.49 0.22 17.08
CA ALA B 302 -21.98 0.83 18.31
C ALA B 302 -21.80 -0.09 19.51
N LEU B 303 -21.90 0.49 20.71
CA LEU B 303 -21.85 -0.26 21.96
C LEU B 303 -23.12 -1.09 22.30
N GLU B 304 -23.28 -1.44 23.58
N GLU B 304 -23.24 -1.52 23.56
CA GLU B 304 -24.06 -2.61 24.01
CA GLU B 304 -24.10 -2.65 23.91
C GLU B 304 -25.55 -2.46 23.75
C GLU B 304 -25.56 -2.43 23.53
N ASN B 305 -26.10 -1.25 23.82
CA ASN B 305 -27.53 -0.99 23.61
C ASN B 305 -27.95 -0.89 22.14
N ASP B 306 -26.99 -0.99 21.20
CA ASP B 306 -27.20 -0.93 19.75
C ASP B 306 -26.72 -2.21 19.08
N LYS B 307 -25.44 -2.56 19.22
CA LYS B 307 -24.84 -3.86 18.89
C LYS B 307 -24.68 -4.14 17.39
N THR B 308 -25.08 -3.22 16.51
CA THR B 308 -25.00 -3.39 15.06
C THR B 308 -23.79 -2.67 14.42
N ILE B 309 -23.48 -3.08 13.20
CA ILE B 309 -22.52 -2.42 12.31
C ILE B 309 -23.26 -1.84 11.11
N LYS B 310 -22.93 -0.62 10.74
CA LYS B 310 -23.57 0.05 9.62
C LYS B 310 -22.56 0.35 8.51
N LEU B 311 -22.98 0.17 7.26
CA LEU B 311 -22.20 0.50 6.08
C LEU B 311 -22.85 1.67 5.35
N TRP B 312 -22.07 2.71 5.13
CA TRP B 312 -22.54 3.94 4.51
C TRP B 312 -21.69 4.19 3.28
N LYS B 313 -22.32 4.57 2.17
CA LYS B 313 -21.59 4.90 0.95
C LYS B 313 -21.91 6.33 0.52
N SER B 314 -20.92 6.96 -0.07
CA SER B 314 -21.00 8.35 -0.51
C SER B 314 -20.51 8.45 -1.94
N ASP B 315 -21.02 9.46 -2.66
CA ASP B 315 -20.65 9.68 -4.05
C ASP B 315 -19.25 10.30 -4.17
N CYS B 316 -18.91 11.19 -3.23
CA CYS B 316 -17.61 11.84 -3.15
C CYS B 316 -16.99 11.63 -1.74
C1 XKN C . -5.22 13.47 -13.91
C10 XKN C . -4.63 7.61 -8.94
C11 XKN C . -3.69 8.39 -9.84
C12 XKN C . -3.90 6.18 -7.16
C13 XKN C . -3.23 5.88 -5.86
C14 XKN C . -3.98 5.37 -4.79
C15 XKN C . -3.30 5.02 -3.61
C16 XKN C . -2.74 4.35 -1.67
C17 XKN C . -0.21 4.56 -1.69
C18 XKN C . 0.37 5.80 -1.07
C19 XKN C . -0.03 6.17 0.22
C2 XKN C . -5.76 12.86 -13.07
C20 XKN C . -1.28 5.52 2.14
C21 XKN C . 0.47 7.30 0.83
C22 XKN C . 1.40 8.07 0.17
C23 XKN C . 1.82 7.73 -1.10
C24 XKN C . 1.33 6.60 -1.71
C25 XKN C . -1.91 5.12 -3.54
C26 XKN C . -1.15 5.58 -4.61
C27 XKN C . -1.84 5.94 -5.76
C28 XKN C . -3.87 8.67 -6.86
C29 XKN C . -5.25 9.29 -6.69
C3 XKN C . -6.42 12.12 -12.03
C30 XKN C . -5.72 11.77 -10.89
C4 XKN C . -7.77 11.78 -12.13
C5 XKN C . -8.38 11.07 -11.11
C6 XKN C . -7.65 10.71 -9.97
C7 XKN C . -6.31 11.05 -9.86
C8 XKN C . -5.47 10.68 -8.66
C9 XKN C . -5.98 8.28 -8.80
N1 XKN C . -5.96 9.49 -7.96
N2 XKN C . -4.07 7.43 -7.60
N3 XKN C . -3.81 4.52 -2.41
N4 XKN C . -1.56 4.69 -2.27
O1 XKN C . -10.57 11.27 -12.43
O2 XKN C . -10.72 11.08 -10.07
O3 XKN C . -0.95 5.33 0.77
O4 XKN C . -4.23 5.23 -7.89
S1 XKN C . -10.07 10.58 -11.26
C1 GOL D . 19.03 -7.84 -24.50
O1 GOL D . 19.69 -7.87 -23.27
C2 GOL D . 17.61 -7.20 -24.20
O2 GOL D . 17.67 -6.16 -23.27
C3 GOL D . 17.18 -6.81 -25.62
O3 GOL D . 16.44 -7.90 -26.16
H11 GOL D . 18.91 -8.73 -24.89
H12 GOL D . 19.48 -7.32 -25.18
HO1 GOL D . 20.44 -8.27 -23.38
H2 GOL D . 16.97 -7.81 -23.77
HO2 GOL D . 16.98 -5.67 -23.40
H31 GOL D . 17.97 -6.59 -26.14
H32 GOL D . 16.66 -5.98 -25.58
HO3 GOL D . 16.16 -7.67 -26.94
S SO4 E . 7.23 2.51 -9.89
O1 SO4 E . 6.95 3.91 -9.57
O2 SO4 E . 8.67 2.28 -10.04
O3 SO4 E . 6.60 1.70 -8.82
O4 SO4 E . 6.67 2.17 -11.20
CL CL F . 5.34 -1.00 -10.88
C1 XKN G . -4.65 20.67 7.69
C10 XKN G . -1.86 14.07 5.02
C11 XKN G . -3.14 14.66 5.57
C12 XKN G . -1.87 11.89 3.94
C13 XKN G . -2.00 11.07 2.69
C14 XKN G . -2.78 9.92 2.74
C15 XKN G . -2.87 9.15 1.58
C16 XKN G . -3.30 7.67 0.10
C17 XKN G . -2.06 8.50 -1.92
C18 XKN G . -3.22 9.14 -2.64
C19 XKN G . -3.05 10.35 -3.33
C2 XKN G . -3.78 20.09 7.14
C20 XKN G . -1.54 11.94 -4.25
C21 XKN G . -4.12 10.97 -3.95
C22 XKN G . -5.39 10.41 -3.84
C23 XKN G . -5.58 9.24 -3.14
C24 XKN G . -4.50 8.61 -2.54
C25 XKN G . -2.18 9.53 0.41
C26 XKN G . -1.39 10.68 0.36
C27 XKN G . -1.30 11.43 1.52
C28 XKN G . -2.77 13.89 2.75
C29 XKN G . -1.82 14.95 2.28
C3 XKN G . -2.73 19.45 6.39
C30 XKN G . -3.06 18.47 5.44
C4 XKN G . -1.40 19.78 6.58
C5 XKN G . -0.41 19.15 5.86
C6 XKN G . -0.75 18.17 4.93
C7 XKN G . -2.08 17.82 4.72
C8 XKN G . -2.48 16.78 3.72
C9 XKN G . -0.90 15.12 4.52
N1 XKN G . -1.40 15.86 3.36
N2 XKN G . -2.17 13.20 3.88
N3 XKN G . -3.57 7.97 1.34
N4 XKN G . -2.45 8.54 -0.52
O1 XKN G . 1.20 20.87 6.82
O2 XKN G . 1.92 19.67 4.86
O3 XKN G . -1.77 10.83 -3.39
O4 XKN G . -1.54 11.35 4.99
S1 XKN G . 1.29 19.57 6.16
C1 GOL H . -5.03 26.02 13.92
O1 GOL H . -3.74 26.20 14.45
C2 GOL H . -5.95 25.71 15.15
O2 GOL H . -7.18 25.22 14.80
C3 GOL H . -5.17 24.67 15.93
O3 GOL H . -6.06 23.65 16.04
C1 GOL I . -15.19 -5.78 27.06
O1 GOL I . -14.49 -6.59 26.16
C2 GOL I . -14.31 -4.56 27.32
O2 GOL I . -13.19 -4.61 26.52
C3 GOL I . -15.19 -3.31 26.99
O3 GOL I . -14.68 -2.22 27.73
C1 GOL J . -4.14 2.88 7.45
O1 GOL J . -3.41 3.94 8.01
C2 GOL J . -4.48 1.86 8.61
O2 GOL J . -3.42 1.62 9.51
C3 GOL J . -5.73 2.40 9.28
O3 GOL J . -6.09 1.44 10.22
S SO4 K . -9.12 2.77 8.27
O1 SO4 K . -7.87 2.87 7.41
O2 SO4 K . -8.94 2.78 9.76
O3 SO4 K . -9.96 3.95 7.99
O4 SO4 K . -9.90 1.54 7.97
CL CL L . -7.18 6.54 8.51
#